data_8HWT
#
_entry.id   8HWT
#
_cell.length_a   1.00
_cell.length_b   1.00
_cell.length_c   1.00
_cell.angle_alpha   90.00
_cell.angle_beta   90.00
_cell.angle_gamma   90.00
#
_symmetry.space_group_name_H-M   'P 1'
#
loop_
_entity.id
_entity.type
_entity.pdbx_description
1 polymer "Spike protein S2'"
2 polymer 'BD-604 heavy chain'
3 polymer 'BD-604 light chain'
4 polymer 'S304 heavy chain'
5 polymer 'S304 light chain'
#
loop_
_entity_poly.entity_id
_entity_poly.type
_entity_poly.pdbx_seq_one_letter_code
_entity_poly.pdbx_strand_id
1 'polypeptide(L)'
;RVQPTESIVRFPNITNLCPFDEVFNATRFASVYAWNRKRISNCVADYSVLYNFAPFFAFKCYGVSPTKLNDLCFTNVYAD
SFVIRGNEVSQIAPGQTGNIADYNYKLPDDFTGCVIAWNSNKLDSKVGGNYNYLYRLFRKSNLKPFERDISTEIYQAGNK
PCNGVAGFNCYFPLRSYGFRPTYGVGHQPYRVVVLSFELLHAPATVCGPKKSTNLVKNKCVNF
;
A
2 'polypeptide(L)'
;EVQLVESGGGLIQPGGSLRLSCAASGIIVSSNYMTWVRQAPGKGLEWVSVIYSGGSTFYADSVKGRFTISRDNSKNTLYL
QMSSLRAEDTAVYYCARDLGPYGMDVWGQGTTVTVSSASTKGPSVFPLAPSSKSTSGGTAALGCLVKDYFPEPVTVSWNS
GALTSGVHTFPAVLQSSGLYSLSSVVTVPSSSLGTQTYICNVNHKPSNTKVDKRVEPKSCDKTHTCPPC
;
H
3 'polypeptide(L)'
;DIQLTQSPSFLSASVGDRVTITCRASQGISSDLAWYQQKPGKAPNLLIYAASTLQSGVPSRFSGSGSGTEFTLTISSLQP
EDFATYYCQQLNSDLYTFGQGTKLEIKRTVAAPSVFIFPPSDEQLKSGTASVVCLLNNFYPREAKVQWKVDNALQSGNSQ
ESVTEQDSKDSTYSLSSTLTLSKADYEKHKVYACEVTHQGLSSPVTKSFNRGECS
;
L
4 'polypeptide(L)'
;VQLVESGGGLVQPGGSLRLSCAASGFTFSSYDMHWVRQTTGKGLEWVSTIGTAGDTYYPDSVKGRFTISREDAKNSLYLQ
MNSLRAGDTAVYYCARGDSSGYYYYFDYWGQGTLLTVSSASTKGPSVFPLAPSSKSTSGGTAALGCLVKDYFPEPVTVSW
NSGALTSGVHTFPAVLQSSGLYSLSSVVTVPSSSLGTQTYICNVNHKPSNTKVDKRVEPKSCDKTHTCPPC
;
D
5 'polypeptide(L)'
;DIEMTQSPSSLSAAVGDRVTITCRASQSIGSYLNWYQQKPGKAPKLLIYAASSLQSGVPSRFSGSGSGTDFTLTISSLQP
EDFAIYYCQQSYVSPTYTFGPGTKVDIKRTVAAPSVFIFPPSDEQLKSGTASVVCLLNNFYPREAKVQWKVDNALQSGNS
QESVTEQDSKDSTYSLSSTLTLSKADYEKHKVYACEVTHQGLSSPVTKSFNRGECS
;
E
#
# COMPACT_ATOMS: atom_id res chain seq x y z
N THR A 15 13.49 -29.48 45.39
CA THR A 15 12.81 -30.59 44.75
C THR A 15 13.26 -30.73 43.29
N ASN A 16 14.57 -30.67 43.08
CA ASN A 16 15.19 -30.81 41.77
C ASN A 16 14.81 -29.68 40.83
N LEU A 17 15.51 -29.57 39.70
CA LEU A 17 15.20 -28.59 38.67
C LEU A 17 15.06 -29.34 37.34
N CYS A 18 13.92 -29.17 36.68
CA CYS A 18 13.66 -29.91 35.45
C CYS A 18 14.60 -29.47 34.34
N PRO A 19 14.92 -30.37 33.41
CA PRO A 19 15.96 -30.06 32.42
C PRO A 19 15.53 -29.04 31.39
N PHE A 20 15.46 -27.76 31.79
CA PHE A 20 15.26 -26.70 30.82
C PHE A 20 16.48 -26.52 29.93
N ASP A 21 17.67 -26.92 30.40
CA ASP A 21 18.86 -26.83 29.57
C ASP A 21 18.81 -27.85 28.43
N GLU A 22 18.46 -29.10 28.74
CA GLU A 22 18.46 -30.16 27.74
C GLU A 22 17.40 -29.98 26.67
N VAL A 23 16.36 -29.18 26.93
CA VAL A 23 15.34 -28.92 25.92
C VAL A 23 15.72 -27.65 25.16
N PHE A 24 16.91 -27.12 25.45
CA PHE A 24 17.41 -25.92 24.79
C PHE A 24 18.80 -26.07 24.20
N ASN A 25 19.53 -27.14 24.51
CA ASN A 25 20.85 -27.37 23.93
C ASN A 25 21.00 -28.83 23.51
N ALA A 26 19.91 -29.43 23.05
CA ALA A 26 19.97 -30.82 22.59
C ALA A 26 20.87 -30.92 21.36
N THR A 27 21.46 -32.11 21.17
CA THR A 27 22.40 -32.29 20.08
C THR A 27 21.72 -32.23 18.72
N ARG A 28 20.42 -32.55 18.66
CA ARG A 28 19.70 -32.54 17.40
C ARG A 28 18.21 -32.35 17.67
N PHE A 29 17.58 -31.50 16.86
CA PHE A 29 16.17 -31.20 16.97
C PHE A 29 15.38 -32.01 15.96
N ALA A 30 14.06 -32.05 16.15
CA ALA A 30 13.17 -32.83 15.30
C ALA A 30 12.57 -31.96 14.21
N SER A 31 12.03 -32.62 13.19
CA SER A 31 11.39 -31.93 12.09
C SER A 31 10.03 -31.39 12.52
N VAL A 32 9.50 -30.46 11.73
CA VAL A 32 8.28 -29.76 12.12
C VAL A 32 7.08 -30.70 12.09
N TYR A 33 7.02 -31.61 11.12
CA TYR A 33 5.90 -32.54 11.05
C TYR A 33 5.97 -33.61 12.13
N ALA A 34 7.12 -33.79 12.76
CA ALA A 34 7.33 -34.75 13.83
C ALA A 34 7.94 -34.07 15.04
N TRP A 35 7.33 -32.96 15.46
CA TRP A 35 7.87 -32.17 16.56
C TRP A 35 7.92 -32.99 17.84
N ASN A 36 8.94 -32.72 18.65
CA ASN A 36 9.21 -33.53 19.84
C ASN A 36 8.58 -32.88 21.06
N ARG A 37 7.88 -33.69 21.86
CA ARG A 37 7.15 -33.21 23.02
C ARG A 37 7.79 -33.76 24.30
N LYS A 38 8.03 -32.87 25.26
CA LYS A 38 8.62 -33.24 26.54
C LYS A 38 7.73 -32.71 27.66
N ARG A 39 7.47 -33.56 28.66
CA ARG A 39 6.66 -33.18 29.80
C ARG A 39 7.55 -32.77 30.96
N ILE A 40 7.28 -31.61 31.53
CA ILE A 40 8.03 -31.05 32.63
C ILE A 40 7.10 -30.90 33.83
N SER A 41 7.48 -31.51 34.96
CA SER A 41 6.66 -31.48 36.15
C SER A 41 7.51 -31.77 37.37
N ASN A 42 7.03 -31.32 38.53
CA ASN A 42 7.63 -31.60 39.83
C ASN A 42 9.07 -31.09 39.91
N CYS A 43 9.22 -29.78 39.72
CA CYS A 43 10.52 -29.12 39.86
C CYS A 43 10.31 -27.70 40.33
N VAL A 44 11.43 -27.07 40.69
CA VAL A 44 11.45 -25.64 41.01
C VAL A 44 11.96 -24.96 39.73
N ALA A 45 11.02 -24.55 38.87
CA ALA A 45 11.36 -24.00 37.57
C ALA A 45 12.04 -22.65 37.74
N ASP A 46 13.35 -22.60 37.50
CA ASP A 46 14.13 -21.37 37.54
C ASP A 46 14.27 -20.88 36.11
N TYR A 47 13.42 -19.95 35.73
CA TYR A 47 13.41 -19.41 34.36
C TYR A 47 14.55 -18.45 34.10
N SER A 48 15.51 -18.30 35.03
CA SER A 48 16.64 -17.42 34.79
C SER A 48 17.48 -17.86 33.60
N VAL A 49 17.42 -19.14 33.23
CA VAL A 49 18.14 -19.61 32.05
C VAL A 49 17.61 -18.92 30.80
N LEU A 50 16.31 -18.73 30.71
CA LEU A 50 15.72 -18.02 29.57
C LEU A 50 16.21 -16.58 29.52
N TYR A 51 16.23 -15.90 30.67
CA TYR A 51 16.60 -14.49 30.69
C TYR A 51 18.08 -14.29 30.39
N ASN A 52 18.94 -15.17 30.92
CA ASN A 52 20.38 -14.99 30.76
C ASN A 52 20.79 -15.02 29.29
N PHE A 53 20.27 -15.98 28.52
CA PHE A 53 20.54 -16.07 27.10
C PHE A 53 19.44 -15.35 26.34
N ALA A 54 19.76 -14.17 25.79
CA ALA A 54 18.79 -13.42 24.98
C ALA A 54 19.37 -12.94 23.65
N PRO A 55 19.93 -13.87 22.81
CA PRO A 55 20.05 -13.60 21.37
C PRO A 55 18.83 -14.12 20.61
N PHE A 56 17.64 -13.78 21.10
CA PHE A 56 16.41 -14.43 20.69
C PHE A 56 15.79 -13.69 19.51
N PHE A 57 15.58 -14.41 18.40
CA PHE A 57 14.88 -13.82 17.27
C PHE A 57 13.44 -13.49 17.63
N ALA A 58 12.77 -14.38 18.37
CA ALA A 58 11.38 -14.14 18.76
C ALA A 58 11.15 -14.72 20.15
N PHE A 59 10.53 -13.92 21.02
CA PHE A 59 10.15 -14.35 22.37
C PHE A 59 8.80 -13.69 22.67
N LYS A 60 7.72 -14.46 22.54
CA LYS A 60 6.39 -13.89 22.70
C LYS A 60 5.54 -14.81 23.56
N CYS A 61 4.98 -14.27 24.64
CA CYS A 61 4.13 -15.03 25.54
C CYS A 61 2.68 -14.58 25.38
N TYR A 62 1.77 -15.56 25.34
CA TYR A 62 0.35 -15.32 25.13
C TYR A 62 -0.40 -15.71 26.39
N GLY A 63 -1.19 -14.77 26.92
CA GLY A 63 -2.02 -15.04 28.08
C GLY A 63 -1.33 -14.92 29.41
N VAL A 64 -0.04 -14.56 29.45
CA VAL A 64 0.69 -14.41 30.69
C VAL A 64 1.87 -13.49 30.44
N SER A 65 2.25 -12.74 31.46
CA SER A 65 3.36 -11.82 31.23
C SER A 65 4.69 -12.53 31.40
N PRO A 66 5.67 -12.20 30.56
CA PRO A 66 6.99 -12.87 30.68
C PRO A 66 7.68 -12.63 32.00
N THR A 67 7.46 -11.48 32.63
CA THR A 67 8.14 -11.14 33.87
C THR A 67 7.50 -11.74 35.10
N LYS A 68 6.36 -12.41 34.96
CA LYS A 68 5.65 -12.99 36.10
C LYS A 68 5.80 -14.50 36.17
N LEU A 69 6.64 -15.10 35.33
CA LEU A 69 6.74 -16.55 35.27
C LEU A 69 7.22 -17.17 36.56
N ASN A 70 7.94 -16.43 37.40
CA ASN A 70 8.49 -16.96 38.63
C ASN A 70 7.56 -16.83 39.82
N ASP A 71 6.40 -16.21 39.65
CA ASP A 71 5.46 -15.97 40.74
C ASP A 71 4.12 -16.64 40.47
N LEU A 72 4.16 -17.80 39.82
CA LEU A 72 2.94 -18.51 39.47
C LEU A 72 3.28 -19.96 39.13
N CYS A 73 2.27 -20.82 39.24
CA CYS A 73 2.47 -22.27 39.19
C CYS A 73 1.42 -22.91 38.28
N PHE A 74 1.76 -24.10 37.77
CA PHE A 74 0.83 -24.91 36.99
C PHE A 74 0.96 -26.37 37.41
N THR A 75 0.00 -27.18 36.94
CA THR A 75 0.04 -28.61 37.20
C THR A 75 1.17 -29.27 36.43
N ASN A 76 1.30 -28.95 35.14
CA ASN A 76 2.36 -29.50 34.31
C ASN A 76 2.66 -28.53 33.18
N VAL A 77 3.85 -28.68 32.59
CA VAL A 77 4.30 -27.84 31.50
C VAL A 77 4.68 -28.74 30.33
N TYR A 78 4.34 -28.31 29.12
CA TYR A 78 4.72 -29.05 27.92
C TYR A 78 5.69 -28.23 27.09
N ALA A 79 6.72 -28.90 26.56
CA ALA A 79 7.71 -28.24 25.72
C ALA A 79 7.76 -28.95 24.37
N ASP A 80 7.49 -28.21 23.31
CA ASP A 80 7.50 -28.74 21.95
C ASP A 80 8.67 -28.13 21.18
N SER A 81 9.50 -28.97 20.61
CA SER A 81 10.70 -28.54 19.91
C SER A 81 10.64 -28.95 18.45
N PHE A 82 11.01 -28.02 17.57
CA PHE A 82 11.12 -28.33 16.14
C PHE A 82 11.98 -27.27 15.46
N VAL A 83 12.13 -27.39 14.15
CA VAL A 83 12.96 -26.51 13.34
C VAL A 83 12.19 -26.12 12.09
N ILE A 84 12.16 -24.81 11.79
CA ILE A 84 11.48 -24.33 10.59
C ILE A 84 12.36 -23.29 9.90
N ARG A 85 11.83 -22.64 8.87
CA ARG A 85 12.53 -21.52 8.25
C ARG A 85 12.01 -20.22 8.84
N GLY A 86 12.80 -19.15 8.63
CA GLY A 86 12.56 -17.92 9.37
C GLY A 86 11.23 -17.27 9.05
N ASN A 87 10.90 -17.15 7.76
CA ASN A 87 9.69 -16.46 7.37
C ASN A 87 8.42 -17.21 7.78
N GLU A 88 8.54 -18.47 8.21
CA GLU A 88 7.40 -19.20 8.74
C GLU A 88 7.26 -19.08 10.25
N VAL A 89 8.22 -18.44 10.93
CA VAL A 89 8.16 -18.32 12.38
C VAL A 89 6.92 -17.54 12.80
N SER A 90 6.47 -16.60 11.98
CA SER A 90 5.27 -15.83 12.29
C SER A 90 4.02 -16.69 12.30
N GLN A 91 4.07 -17.92 11.76
CA GLN A 91 2.90 -18.77 11.74
C GLN A 91 2.72 -19.56 13.03
N ILE A 92 3.67 -19.52 13.95
CA ILE A 92 3.52 -20.18 15.25
C ILE A 92 2.89 -19.14 16.17
N ALA A 93 1.56 -19.03 16.08
CA ALA A 93 0.78 -18.07 16.83
C ALA A 93 -0.70 -18.40 16.67
N PRO A 94 -1.52 -18.20 17.70
CA PRO A 94 -2.95 -18.52 17.57
C PRO A 94 -3.62 -17.64 16.53
N GLY A 95 -4.59 -18.23 15.83
CA GLY A 95 -5.35 -17.50 14.84
C GLY A 95 -4.62 -17.21 13.54
N GLN A 96 -3.47 -17.84 13.31
CA GLN A 96 -2.67 -17.60 12.13
C GLN A 96 -2.84 -18.78 11.16
N THR A 97 -2.90 -18.46 9.87
CA THR A 97 -3.12 -19.47 8.83
C THR A 97 -1.95 -19.49 7.86
N GLY A 98 -1.69 -20.67 7.32
CA GLY A 98 -0.58 -20.86 6.40
C GLY A 98 -0.30 -22.33 6.23
N ASN A 99 0.79 -22.62 5.52
CA ASN A 99 1.15 -24.02 5.27
C ASN A 99 1.51 -24.73 6.57
N ILE A 100 2.42 -24.14 7.35
CA ILE A 100 2.84 -24.77 8.60
C ILE A 100 1.71 -24.81 9.60
N ALA A 101 0.93 -23.73 9.68
CA ALA A 101 -0.18 -23.69 10.63
C ALA A 101 -1.24 -24.73 10.29
N ASP A 102 -1.49 -24.94 9.00
CA ASP A 102 -2.56 -25.83 8.60
C ASP A 102 -2.14 -27.30 8.66
N TYR A 103 -1.00 -27.63 8.05
CA TYR A 103 -0.67 -29.04 7.83
C TYR A 103 0.44 -29.56 8.73
N ASN A 104 1.08 -28.72 9.54
CA ASN A 104 2.22 -29.16 10.33
C ASN A 104 2.02 -29.01 11.83
N TYR A 105 1.59 -27.84 12.29
CA TYR A 105 1.49 -27.58 13.72
C TYR A 105 0.50 -26.45 13.95
N LYS A 106 -0.52 -26.70 14.75
CA LYS A 106 -1.60 -25.74 14.98
C LYS A 106 -1.68 -25.41 16.47
N LEU A 107 -1.78 -24.12 16.77
CA LEU A 107 -1.95 -23.61 18.13
C LEU A 107 -3.39 -23.22 18.36
N PRO A 108 -3.99 -23.57 19.50
CA PRO A 108 -5.38 -23.21 19.73
C PRO A 108 -5.56 -21.71 19.88
N ASP A 109 -6.78 -21.24 19.57
CA ASP A 109 -7.08 -19.81 19.64
C ASP A 109 -7.00 -19.27 21.06
N ASP A 110 -7.13 -20.12 22.07
CA ASP A 110 -7.07 -19.72 23.47
C ASP A 110 -5.75 -20.12 24.12
N PHE A 111 -4.64 -20.01 23.38
CA PHE A 111 -3.35 -20.44 23.88
C PHE A 111 -2.92 -19.62 25.08
N THR A 112 -2.23 -20.29 26.01
CA THR A 112 -1.79 -19.69 27.27
C THR A 112 -0.33 -20.04 27.54
N GLY A 113 0.54 -19.86 26.55
CA GLY A 113 1.94 -20.18 26.72
C GLY A 113 2.90 -19.19 26.09
N CYS A 114 4.14 -19.63 25.87
CA CYS A 114 5.18 -18.80 25.29
C CYS A 114 5.80 -19.48 24.09
N VAL A 115 6.32 -18.69 23.17
CA VAL A 115 6.99 -19.16 21.96
C VAL A 115 8.36 -18.52 21.90
N ILE A 116 9.40 -19.34 21.73
CA ILE A 116 10.77 -18.88 21.62
C ILE A 116 11.35 -19.43 20.31
N ALA A 117 12.05 -18.58 19.58
CA ALA A 117 12.63 -18.98 18.30
C ALA A 117 13.94 -18.24 18.10
N TRP A 118 14.98 -18.99 17.70
CA TRP A 118 16.28 -18.37 17.48
C TRP A 118 16.99 -19.03 16.30
N ASN A 119 17.87 -18.26 15.66
CA ASN A 119 18.56 -18.73 14.47
C ASN A 119 19.56 -19.82 14.82
N SER A 120 19.71 -20.77 13.90
CA SER A 120 20.62 -21.91 14.06
C SER A 120 21.35 -22.18 12.75
N ASN A 121 21.83 -21.12 12.09
CA ASN A 121 22.50 -21.29 10.81
C ASN A 121 23.77 -22.11 10.94
N LYS A 122 24.55 -21.85 11.98
CA LYS A 122 25.82 -22.56 12.15
C LYS A 122 25.61 -24.04 12.39
N LEU A 123 24.59 -24.39 13.17
CA LEU A 123 24.43 -25.77 13.62
C LEU A 123 23.73 -26.65 12.59
N ASP A 124 22.73 -26.10 11.88
CA ASP A 124 21.87 -26.91 11.03
C ASP A 124 22.17 -26.80 9.54
N SER A 125 22.78 -25.72 9.08
CA SER A 125 23.10 -25.58 7.67
C SER A 125 24.37 -26.33 7.33
N LYS A 126 24.51 -26.68 6.05
CA LYS A 126 25.67 -27.41 5.57
C LYS A 126 25.87 -27.12 4.09
N VAL A 127 27.13 -27.09 3.66
CA VAL A 127 27.45 -26.86 2.26
C VAL A 127 26.93 -28.04 1.45
N GLY A 128 26.16 -27.74 0.41
CA GLY A 128 25.54 -28.75 -0.42
C GLY A 128 24.13 -29.13 0.00
N GLY A 129 23.69 -28.70 1.16
CA GLY A 129 22.32 -28.94 1.58
C GLY A 129 22.21 -29.95 2.70
N ASN A 130 21.31 -29.68 3.65
CA ASN A 130 20.99 -30.60 4.73
C ASN A 130 19.60 -31.14 4.46
N TYR A 131 19.51 -32.44 4.18
CA TYR A 131 18.24 -33.06 3.80
C TYR A 131 17.65 -33.92 4.91
N ASN A 132 18.02 -33.66 6.17
CA ASN A 132 17.47 -34.38 7.30
C ASN A 132 16.30 -33.67 7.94
N TYR A 133 15.96 -32.47 7.50
CA TYR A 133 14.84 -31.71 8.03
C TYR A 133 13.73 -31.65 6.98
N LEU A 134 12.56 -32.17 7.33
CA LEU A 134 11.47 -32.35 6.39
C LEU A 134 10.22 -31.63 6.88
N TYR A 135 9.39 -31.20 5.93
CA TYR A 135 8.10 -30.60 6.25
C TYR A 135 7.05 -31.12 5.29
N ARG A 136 5.80 -31.14 5.77
CA ARG A 136 4.69 -31.69 5.00
C ARG A 136 4.12 -30.63 4.07
N LEU A 137 3.94 -31.00 2.81
CA LEU A 137 3.47 -30.08 1.77
C LEU A 137 2.04 -30.36 1.32
N PHE A 138 1.69 -31.63 1.13
CA PHE A 138 0.38 -32.01 0.62
C PHE A 138 -0.41 -32.69 1.73
N ARG A 139 -1.58 -32.14 2.04
CA ARG A 139 -2.52 -32.77 2.96
C ARG A 139 -3.92 -32.31 2.58
N LYS A 140 -4.91 -33.09 2.99
CA LYS A 140 -6.28 -32.88 2.53
C LYS A 140 -7.14 -32.06 3.48
N SER A 141 -6.74 -31.93 4.75
CA SER A 141 -7.54 -31.20 5.71
CA SER A 141 -7.55 -31.20 5.72
C SER A 141 -6.63 -30.52 6.72
N ASN A 142 -7.17 -29.49 7.38
CA ASN A 142 -6.43 -28.77 8.40
C ASN A 142 -6.25 -29.62 9.65
N LEU A 143 -5.13 -29.43 10.32
CA LEU A 143 -4.83 -30.19 11.52
C LEU A 143 -5.55 -29.60 12.73
N LYS A 144 -6.05 -30.49 13.58
CA LYS A 144 -6.61 -30.05 14.85
C LYS A 144 -5.49 -29.56 15.77
N PRO A 145 -5.80 -28.68 16.71
CA PRO A 145 -4.77 -28.17 17.62
C PRO A 145 -4.08 -29.30 18.38
N PHE A 146 -2.74 -29.19 18.46
CA PHE A 146 -1.90 -30.17 19.15
C PHE A 146 -2.11 -31.58 18.61
N GLU A 147 -1.91 -31.71 17.30
CA GLU A 147 -2.01 -32.98 16.60
C GLU A 147 -0.78 -33.16 15.71
N ARG A 148 -0.29 -34.40 15.62
CA ARG A 148 0.86 -34.72 14.79
C ARG A 148 0.49 -35.81 13.79
N ASP A 149 1.00 -35.67 12.58
CA ASP A 149 0.75 -36.64 11.50
C ASP A 149 2.11 -37.06 10.94
N ILE A 150 2.47 -38.32 11.16
CA ILE A 150 3.77 -38.84 10.76
C ILE A 150 3.64 -39.85 9.62
N SER A 151 2.50 -39.85 8.91
CA SER A 151 2.29 -40.78 7.83
CA SER A 151 2.29 -40.78 7.82
C SER A 151 3.09 -40.35 6.59
N THR A 152 3.37 -41.33 5.72
CA THR A 152 4.09 -41.09 4.49
C THR A 152 3.37 -41.68 3.28
N GLU A 153 2.05 -41.85 3.37
CA GLU A 153 1.29 -42.40 2.27
C GLU A 153 1.27 -41.44 1.08
N ILE A 154 1.21 -42.00 -0.12
CA ILE A 154 1.17 -41.20 -1.33
C ILE A 154 -0.14 -40.42 -1.39
N TYR A 155 -0.06 -39.20 -1.93
CA TYR A 155 -1.18 -38.27 -1.96
C TYR A 155 -1.79 -38.26 -3.34
N GLN A 156 -3.12 -38.39 -3.40
CA GLN A 156 -3.86 -38.46 -4.66
C GLN A 156 -4.37 -37.08 -5.03
N ALA A 157 -4.01 -36.61 -6.22
CA ALA A 157 -4.41 -35.30 -6.71
C ALA A 157 -5.38 -35.37 -7.87
N GLY A 158 -5.75 -36.56 -8.32
CA GLY A 158 -6.68 -36.71 -9.42
C GLY A 158 -7.79 -37.68 -9.11
N ASN A 159 -8.48 -38.17 -10.15
CA ASN A 159 -9.57 -39.13 -10.00
C ASN A 159 -9.14 -40.55 -10.35
N LYS A 160 -7.87 -40.88 -10.13
CA LYS A 160 -7.35 -42.22 -10.36
C LYS A 160 -6.58 -42.65 -9.11
N PRO A 161 -6.83 -43.85 -8.58
CA PRO A 161 -6.12 -44.28 -7.38
C PRO A 161 -4.61 -44.33 -7.60
N CYS A 162 -3.87 -43.95 -6.57
CA CYS A 162 -2.41 -43.92 -6.68
C CYS A 162 -1.83 -45.32 -6.70
N ASN A 163 -2.41 -46.25 -5.94
CA ASN A 163 -1.96 -47.63 -5.88
C ASN A 163 -0.50 -47.73 -5.41
N GLY A 164 -0.13 -46.85 -4.50
CA GLY A 164 1.18 -46.93 -3.85
C GLY A 164 2.36 -46.75 -4.78
N VAL A 165 2.23 -45.90 -5.79
CA VAL A 165 3.33 -45.59 -6.70
C VAL A 165 3.42 -44.08 -6.86
N ALA A 166 4.57 -43.62 -7.36
CA ALA A 166 4.82 -42.21 -7.59
C ALA A 166 4.70 -41.89 -9.07
N GLY A 167 4.10 -40.75 -9.39
CA GLY A 167 3.92 -40.37 -10.77
C GLY A 167 3.05 -39.13 -10.88
N PHE A 168 2.49 -38.93 -12.06
CA PHE A 168 1.62 -37.78 -12.29
C PHE A 168 0.36 -37.89 -11.43
N ASN A 169 0.02 -36.79 -10.76
CA ASN A 169 -1.12 -36.73 -9.84
C ASN A 169 -0.98 -37.72 -8.69
N CYS A 170 0.25 -38.05 -8.31
CA CYS A 170 0.53 -38.93 -7.18
C CYS A 170 1.88 -38.51 -6.62
N TYR A 171 1.87 -37.73 -5.55
CA TYR A 171 3.08 -37.08 -5.04
C TYR A 171 3.36 -37.51 -3.61
N PHE A 172 4.64 -37.63 -3.29
CA PHE A 172 5.06 -37.89 -1.91
C PHE A 172 4.82 -36.65 -1.08
N PRO A 173 4.19 -36.78 0.10
CA PRO A 173 3.68 -35.59 0.81
C PRO A 173 4.75 -34.73 1.48
N LEU A 174 5.98 -35.21 1.63
CA LEU A 174 7.01 -34.48 2.34
C LEU A 174 8.09 -33.99 1.39
N ARG A 175 8.61 -32.80 1.68
CA ARG A 175 9.73 -32.23 0.94
C ARG A 175 10.78 -31.71 1.92
N SER A 176 12.04 -31.85 1.55
CA SER A 176 13.15 -31.44 2.39
C SER A 176 13.47 -29.96 2.18
N TYR A 177 13.87 -29.31 3.27
CA TYR A 177 14.18 -27.89 3.21
C TYR A 177 15.44 -27.61 2.39
N GLY A 178 16.47 -28.42 2.57
CA GLY A 178 17.71 -28.22 1.87
C GLY A 178 18.42 -26.94 2.29
N PHE A 179 18.87 -26.90 3.54
CA PHE A 179 19.50 -25.71 4.09
C PHE A 179 20.97 -25.64 3.69
N ARG A 180 21.40 -24.49 3.20
CA ARG A 180 22.81 -24.25 2.90
C ARG A 180 23.15 -22.80 3.24
N PRO A 181 24.39 -22.52 3.60
CA PRO A 181 24.73 -21.18 4.12
C PRO A 181 24.50 -20.04 3.14
N THR A 182 24.58 -20.30 1.84
CA THR A 182 24.45 -19.20 0.88
C THR A 182 23.03 -18.68 0.73
N TYR A 183 22.09 -19.10 1.57
CA TYR A 183 20.69 -18.68 1.43
C TYR A 183 20.46 -17.35 2.13
N GLY A 184 19.25 -16.81 1.94
CA GLY A 184 18.89 -15.55 2.54
C GLY A 184 18.57 -15.67 4.01
N VAL A 185 18.36 -14.51 4.64
CA VAL A 185 18.10 -14.47 6.07
C VAL A 185 16.79 -15.17 6.40
N GLY A 186 15.76 -14.93 5.60
CA GLY A 186 14.45 -15.52 5.86
C GLY A 186 14.39 -17.00 5.64
N HIS A 187 15.28 -17.55 4.81
CA HIS A 187 15.26 -18.97 4.48
C HIS A 187 16.23 -19.79 5.29
N GLN A 188 16.87 -19.20 6.30
CA GLN A 188 17.81 -19.91 7.14
C GLN A 188 17.07 -20.69 8.23
N PRO A 189 17.67 -21.76 8.75
CA PRO A 189 17.00 -22.55 9.78
C PRO A 189 16.86 -21.80 11.09
N TYR A 190 15.70 -21.95 11.72
CA TYR A 190 15.40 -21.37 13.02
C TYR A 190 14.85 -22.47 13.92
N ARG A 191 15.39 -22.58 15.12
CA ARG A 191 14.91 -23.54 16.10
C ARG A 191 13.82 -22.90 16.95
N VAL A 192 12.74 -23.65 17.17
CA VAL A 192 11.55 -23.14 17.85
C VAL A 192 11.20 -24.07 19.01
N VAL A 193 10.99 -23.47 20.18
CA VAL A 193 10.53 -24.16 21.37
C VAL A 193 9.27 -23.47 21.87
N VAL A 194 8.21 -24.25 22.07
CA VAL A 194 6.91 -23.74 22.49
C VAL A 194 6.62 -24.31 23.88
N LEU A 195 6.37 -23.43 24.84
CA LEU A 195 6.05 -23.81 26.20
C LEU A 195 4.56 -23.61 26.42
N SER A 196 3.86 -24.68 26.79
CA SER A 196 2.43 -24.66 27.02
CA SER A 196 2.43 -24.66 27.02
C SER A 196 2.15 -24.92 28.49
N PHE A 197 1.33 -24.05 29.08
CA PHE A 197 0.98 -24.09 30.49
C PHE A 197 -0.51 -24.34 30.64
N GLU A 198 -0.88 -25.19 31.59
CA GLU A 198 -2.29 -25.41 31.91
C GLU A 198 -2.45 -25.56 33.41
N LEU A 199 -3.61 -25.15 33.90
CA LEU A 199 -3.92 -25.25 35.33
C LEU A 199 -4.48 -26.63 35.67
N VAL A 206 4.92 -27.75 38.98
CA VAL A 206 5.87 -26.76 38.50
C VAL A 206 5.66 -25.43 39.19
N CYS A 207 6.72 -24.91 39.81
CA CYS A 207 6.66 -23.62 40.48
C CYS A 207 7.99 -22.90 40.31
N GLY A 208 7.93 -21.58 40.43
CA GLY A 208 9.11 -20.75 40.32
C GLY A 208 9.87 -20.66 41.62
N PRO A 209 10.97 -19.91 41.61
CA PRO A 209 11.82 -19.70 42.78
C PRO A 209 11.44 -18.45 43.55
N GLU B 1 -9.32 -36.81 -20.03
CA GLU B 1 -8.10 -36.02 -20.13
C GLU B 1 -8.03 -34.99 -19.00
N VAL B 2 -6.84 -34.44 -18.78
CA VAL B 2 -6.63 -33.42 -17.76
C VAL B 2 -6.63 -32.06 -18.46
N GLN B 3 -7.55 -31.19 -18.07
CA GLN B 3 -7.66 -29.89 -18.71
C GLN B 3 -8.47 -28.95 -17.81
N LEU B 4 -8.36 -27.66 -18.11
CA LEU B 4 -9.10 -26.61 -17.42
C LEU B 4 -9.72 -25.70 -18.46
N VAL B 5 -11.01 -25.41 -18.31
CA VAL B 5 -11.75 -24.58 -19.26
C VAL B 5 -12.38 -23.43 -18.49
N GLU B 6 -12.21 -22.21 -18.99
CA GLU B 6 -12.65 -21.02 -18.29
C GLU B 6 -13.79 -20.33 -19.03
N SER B 7 -14.60 -19.60 -18.28
CA SER B 7 -15.73 -18.89 -18.86
C SER B 7 -16.17 -17.77 -17.93
N GLY B 8 -16.92 -16.83 -18.48
CA GLY B 8 -17.53 -15.78 -17.69
C GLY B 8 -17.02 -14.38 -17.98
N GLY B 9 -16.48 -14.17 -19.17
CA GLY B 9 -15.94 -12.87 -19.52
C GLY B 9 -16.91 -12.03 -20.34
N GLY B 10 -16.70 -10.72 -20.34
CA GLY B 10 -17.58 -9.84 -21.11
C GLY B 10 -17.33 -8.38 -20.79
N LEU B 11 -18.34 -7.57 -21.07
CA LEU B 11 -18.28 -6.13 -20.86
C LEU B 11 -19.03 -5.76 -19.59
N ILE B 12 -18.36 -5.02 -18.70
CA ILE B 12 -18.94 -4.61 -17.43
C ILE B 12 -18.51 -3.17 -17.15
N GLN B 13 -19.46 -2.36 -16.70
CA GLN B 13 -19.19 -0.96 -16.42
C GLN B 13 -18.29 -0.81 -15.20
N PRO B 14 -17.65 0.34 -15.03
CA PRO B 14 -16.71 0.52 -13.92
C PRO B 14 -17.39 0.63 -12.57
N GLY B 15 -17.68 -0.52 -11.95
CA GLY B 15 -18.34 -0.55 -10.67
C GLY B 15 -19.27 -1.74 -10.50
N GLY B 16 -19.45 -2.50 -11.57
CA GLY B 16 -20.31 -3.67 -11.52
C GLY B 16 -19.68 -4.87 -10.83
N SER B 17 -20.16 -6.06 -11.17
CA SER B 17 -19.66 -7.30 -10.56
C SER B 17 -19.64 -8.39 -11.62
N LEU B 18 -18.80 -9.40 -11.38
CA LEU B 18 -18.67 -10.52 -12.30
C LEU B 18 -18.39 -11.79 -11.52
N ARG B 19 -18.52 -12.92 -12.22
CA ARG B 19 -18.27 -14.23 -11.62
C ARG B 19 -17.66 -15.12 -12.71
N LEU B 20 -16.36 -15.36 -12.61
CA LEU B 20 -15.64 -16.19 -13.57
C LEU B 20 -15.53 -17.61 -13.06
N SER B 21 -15.74 -18.58 -13.95
CA SER B 21 -15.76 -19.98 -13.60
C SER B 21 -14.65 -20.72 -14.34
N CYS B 22 -14.05 -21.71 -13.66
CA CYS B 22 -12.99 -22.54 -14.22
C CYS B 22 -13.32 -23.99 -13.87
N ALA B 23 -13.66 -24.77 -14.89
CA ALA B 23 -14.06 -26.17 -14.73
C ALA B 23 -12.90 -27.08 -15.11
N ALA B 24 -12.63 -28.06 -14.27
CA ALA B 24 -11.48 -28.93 -14.43
C ALA B 24 -11.92 -30.36 -14.74
N SER B 25 -11.07 -31.06 -15.48
CA SER B 25 -11.29 -32.47 -15.79
C SER B 25 -9.99 -33.21 -15.55
N GLY B 26 -10.04 -34.24 -14.70
CA GLY B 26 -8.87 -34.99 -14.32
C GLY B 26 -8.13 -34.43 -13.13
N ILE B 27 -8.52 -33.25 -12.64
CA ILE B 27 -7.92 -32.62 -11.47
C ILE B 27 -9.04 -32.31 -10.48
N ILE B 28 -8.89 -32.77 -9.25
CA ILE B 28 -9.86 -32.49 -8.20
C ILE B 28 -9.50 -31.16 -7.55
N VAL B 29 -10.41 -30.20 -7.65
CA VAL B 29 -10.14 -28.87 -7.08
C VAL B 29 -10.11 -28.89 -5.57
N SER B 30 -10.70 -29.92 -4.94
CA SER B 30 -10.74 -30.01 -3.49
C SER B 30 -9.48 -30.60 -2.89
N SER B 31 -8.51 -30.99 -3.71
CA SER B 31 -7.28 -31.61 -3.22
C SER B 31 -6.02 -30.97 -3.76
N ASN B 32 -6.11 -29.79 -4.37
CA ASN B 32 -4.95 -29.13 -4.96
C ASN B 32 -5.00 -27.64 -4.65
N TYR B 33 -3.84 -27.00 -4.79
CA TYR B 33 -3.76 -25.55 -4.73
C TYR B 33 -4.27 -24.98 -6.04
N MET B 34 -5.25 -24.09 -5.97
CA MET B 34 -5.80 -23.46 -7.16
C MET B 34 -5.45 -21.98 -7.18
N THR B 35 -5.16 -21.45 -8.36
CA THR B 35 -4.65 -20.10 -8.48
C THR B 35 -5.32 -19.37 -9.63
N TRP B 36 -5.66 -18.11 -9.41
CA TRP B 36 -6.14 -17.22 -10.46
C TRP B 36 -5.09 -16.14 -10.69
N VAL B 37 -4.66 -15.99 -11.94
CA VAL B 37 -3.70 -14.97 -12.34
C VAL B 37 -4.27 -14.22 -13.55
N ARG B 38 -3.62 -13.11 -13.89
CA ARG B 38 -4.12 -12.27 -14.97
C ARG B 38 -2.96 -11.63 -15.71
N GLN B 39 -3.23 -11.22 -16.95
CA GLN B 39 -2.25 -10.57 -17.80
C GLN B 39 -2.92 -9.43 -18.53
N ALA B 40 -2.43 -8.21 -18.33
CA ALA B 40 -2.94 -7.05 -19.04
C ALA B 40 -2.36 -7.02 -20.45
N PRO B 41 -3.05 -6.36 -21.39
CA PRO B 41 -2.50 -6.25 -22.76
C PRO B 41 -1.09 -5.69 -22.79
N GLY B 42 -0.13 -6.52 -23.16
CA GLY B 42 1.26 -6.12 -23.24
C GLY B 42 1.83 -5.58 -21.94
N LYS B 43 1.55 -6.25 -20.83
CA LYS B 43 2.03 -5.76 -19.54
C LYS B 43 2.55 -6.87 -18.62
N GLY B 44 2.77 -8.07 -19.13
CA GLY B 44 3.31 -9.14 -18.31
C GLY B 44 2.27 -9.78 -17.42
N LEU B 45 2.75 -10.73 -16.61
CA LEU B 45 1.88 -11.55 -15.77
C LEU B 45 1.81 -10.98 -14.35
N GLU B 46 0.76 -11.37 -13.63
CA GLU B 46 0.53 -10.91 -12.28
C GLU B 46 -0.39 -11.88 -11.58
N TRP B 47 -0.10 -12.14 -10.31
CA TRP B 47 -0.85 -13.09 -9.49
C TRP B 47 -2.00 -12.38 -8.79
N VAL B 48 -3.16 -13.03 -8.78
CA VAL B 48 -4.38 -12.45 -8.21
C VAL B 48 -4.78 -13.15 -6.91
N SER B 49 -5.01 -14.45 -6.94
CA SER B 49 -5.50 -15.11 -5.74
C SER B 49 -5.11 -16.59 -5.75
N VAL B 50 -5.12 -17.18 -4.55
CA VAL B 50 -4.82 -18.60 -4.37
C VAL B 50 -5.72 -19.17 -3.28
N ILE B 51 -6.10 -20.43 -3.47
CA ILE B 51 -6.91 -21.16 -2.49
C ILE B 51 -6.26 -22.53 -2.26
N TYR B 52 -6.15 -22.91 -0.99
CA TYR B 52 -5.58 -24.18 -0.59
C TYR B 52 -6.67 -25.25 -0.58
N SER B 53 -6.27 -26.49 -0.37
CA SER B 53 -7.24 -27.57 -0.18
C SER B 53 -7.58 -27.77 1.29
N GLY B 54 -7.82 -26.67 1.98
CA GLY B 54 -8.28 -26.70 3.35
C GLY B 54 -9.23 -25.55 3.66
N GLY B 55 -9.48 -24.71 2.66
CA GLY B 55 -10.32 -23.54 2.81
C GLY B 55 -9.57 -22.24 2.95
N SER B 56 -8.27 -22.27 3.17
CA SER B 56 -7.51 -21.04 3.33
C SER B 56 -7.38 -20.31 2.00
N THR B 57 -7.63 -19.01 2.01
CA THR B 57 -7.59 -18.17 0.82
C THR B 57 -6.61 -17.02 1.02
N PHE B 58 -5.84 -16.72 -0.01
CA PHE B 58 -4.89 -15.62 0.03
C PHE B 58 -5.06 -14.75 -1.21
N TYR B 59 -4.97 -13.44 -1.02
CA TYR B 59 -5.24 -12.47 -2.07
C TYR B 59 -4.08 -11.48 -2.17
N ALA B 60 -3.93 -10.90 -3.35
CA ALA B 60 -2.91 -9.87 -3.55
C ALA B 60 -3.35 -8.57 -2.90
N ASP B 61 -2.36 -7.72 -2.59
CA ASP B 61 -2.65 -6.47 -1.89
C ASP B 61 -3.50 -5.55 -2.74
N SER B 62 -3.23 -5.48 -4.04
CA SER B 62 -3.95 -4.57 -4.92
C SER B 62 -5.41 -4.98 -5.13
N VAL B 63 -5.79 -6.18 -4.72
CA VAL B 63 -7.13 -6.69 -5.00
C VAL B 63 -7.80 -7.14 -3.71
N LYS B 64 -7.21 -6.80 -2.56
CA LYS B 64 -7.77 -7.21 -1.29
C LYS B 64 -9.09 -6.49 -1.02
N GLY B 65 -10.05 -7.22 -0.45
CA GLY B 65 -11.33 -6.65 -0.10
C GLY B 65 -12.28 -6.46 -1.26
N ARG B 66 -11.91 -6.88 -2.47
CA ARG B 66 -12.76 -6.74 -3.64
C ARG B 66 -13.07 -8.05 -4.34
N PHE B 67 -12.17 -9.03 -4.31
CA PHE B 67 -12.40 -10.31 -4.96
C PHE B 67 -12.63 -11.39 -3.91
N THR B 68 -13.28 -12.46 -4.34
CA THR B 68 -13.52 -13.62 -3.50
C THR B 68 -13.29 -14.89 -4.30
N ILE B 69 -12.71 -15.91 -3.66
CA ILE B 69 -12.41 -17.18 -4.31
C ILE B 69 -13.22 -18.27 -3.64
N SER B 70 -13.94 -19.05 -4.44
CA SER B 70 -14.81 -20.10 -3.93
C SER B 70 -14.60 -21.37 -4.73
N ARG B 71 -15.01 -22.49 -4.13
CA ARG B 71 -14.84 -23.80 -4.72
C ARG B 71 -16.14 -24.57 -4.62
N ASP B 72 -16.50 -25.27 -5.69
CA ASP B 72 -17.71 -26.09 -5.74
C ASP B 72 -17.29 -27.52 -6.04
N ASN B 73 -17.46 -28.41 -5.06
CA ASN B 73 -17.05 -29.80 -5.22
C ASN B 73 -18.04 -30.60 -6.07
N SER B 74 -19.33 -30.24 -6.03
CA SER B 74 -20.32 -30.97 -6.79
C SER B 74 -20.07 -30.83 -8.29
N LYS B 75 -19.87 -29.61 -8.77
CA LYS B 75 -19.56 -29.36 -10.16
C LYS B 75 -18.06 -29.36 -10.45
N ASN B 76 -17.22 -29.48 -9.41
CA ASN B 76 -15.77 -29.51 -9.55
C ASN B 76 -15.29 -28.26 -10.30
N THR B 77 -15.54 -27.11 -9.69
CA THR B 77 -15.31 -25.84 -10.36
C THR B 77 -14.73 -24.83 -9.37
N LEU B 78 -13.92 -23.91 -9.89
CA LEU B 78 -13.35 -22.82 -9.12
C LEU B 78 -13.97 -21.51 -9.60
N TYR B 79 -14.48 -20.71 -8.66
CA TYR B 79 -15.17 -19.47 -8.98
C TYR B 79 -14.40 -18.29 -8.41
N LEU B 80 -14.34 -17.21 -9.18
CA LEU B 80 -13.80 -15.93 -8.73
C LEU B 80 -14.89 -14.88 -8.87
N GLN B 81 -15.24 -14.25 -7.75
CA GLN B 81 -16.26 -13.21 -7.71
C GLN B 81 -15.59 -11.85 -7.62
N MET B 82 -15.95 -10.96 -8.55
CA MET B 82 -15.38 -9.61 -8.62
C MET B 82 -16.44 -8.58 -8.30
N SER B 83 -16.09 -7.64 -7.42
CA SER B 83 -16.95 -6.53 -7.05
C SER B 83 -16.11 -5.27 -6.99
N SER B 84 -16.76 -4.12 -7.21
CA SER B 84 -16.12 -2.81 -7.19
C SER B 84 -14.96 -2.76 -8.20
N LEU B 85 -15.32 -3.00 -9.47
CA LEU B 85 -14.31 -3.09 -10.51
C LEU B 85 -13.78 -1.71 -10.88
N ARG B 86 -12.58 -1.68 -11.44
CA ARG B 86 -11.92 -0.45 -11.86
C ARG B 86 -11.39 -0.62 -13.27
N ALA B 87 -11.09 0.50 -13.91
CA ALA B 87 -10.65 0.48 -15.30
C ALA B 87 -9.29 -0.18 -15.48
N GLU B 88 -8.51 -0.33 -14.40
CA GLU B 88 -7.20 -0.95 -14.47
C GLU B 88 -7.25 -2.47 -14.38
N ASP B 89 -8.45 -3.05 -14.26
CA ASP B 89 -8.60 -4.49 -14.07
C ASP B 89 -8.97 -5.21 -15.36
N THR B 90 -8.95 -4.55 -16.50
CA THR B 90 -9.21 -5.21 -17.78
C THR B 90 -7.98 -6.01 -18.19
N ALA B 91 -8.18 -7.30 -18.44
CA ALA B 91 -7.06 -8.21 -18.68
C ALA B 91 -7.60 -9.58 -19.09
N VAL B 92 -6.68 -10.48 -19.41
CA VAL B 92 -7.00 -11.87 -19.69
C VAL B 92 -6.67 -12.69 -18.44
N TYR B 93 -7.65 -13.44 -17.95
CA TYR B 93 -7.53 -14.19 -16.72
C TYR B 93 -7.30 -15.67 -17.01
N TYR B 94 -6.46 -16.29 -16.19
CA TYR B 94 -6.10 -17.70 -16.29
C TYR B 94 -6.29 -18.37 -14.93
N CYS B 95 -6.72 -19.63 -14.96
CA CYS B 95 -6.79 -20.47 -13.76
C CYS B 95 -5.77 -21.59 -13.90
N ALA B 96 -5.02 -21.85 -12.84
CA ALA B 96 -3.93 -22.81 -12.87
C ALA B 96 -3.92 -23.63 -11.59
N ARG B 97 -3.24 -24.77 -11.65
CA ARG B 97 -2.99 -25.62 -10.50
C ARG B 97 -1.56 -25.44 -10.04
N ASP B 98 -1.37 -25.14 -8.77
CA ASP B 98 -0.06 -24.88 -8.20
C ASP B 98 0.40 -26.07 -7.38
N LEU B 99 1.69 -26.39 -7.48
CA LEU B 99 2.31 -27.46 -6.70
C LEU B 99 3.43 -26.93 -5.81
N GLY B 100 3.42 -25.63 -5.52
CA GLY B 100 4.43 -25.03 -4.67
C GLY B 100 5.79 -25.00 -5.32
N PRO B 101 6.76 -25.69 -4.71
CA PRO B 101 8.12 -25.71 -5.29
C PRO B 101 8.18 -26.37 -6.66
N TYR B 102 7.19 -27.17 -7.03
CA TYR B 102 7.16 -27.80 -8.34
C TYR B 102 6.50 -26.92 -9.40
N GLY B 103 6.02 -25.74 -9.02
CA GLY B 103 5.53 -24.77 -9.97
C GLY B 103 4.11 -25.04 -10.43
N MET B 104 3.59 -24.10 -11.21
CA MET B 104 2.27 -24.23 -11.82
C MET B 104 2.43 -24.95 -13.15
N ASP B 105 1.88 -26.16 -13.24
CA ASP B 105 2.09 -27.01 -14.40
C ASP B 105 0.95 -26.97 -15.40
N VAL B 106 -0.31 -26.94 -14.95
CA VAL B 106 -1.47 -26.96 -15.83
C VAL B 106 -2.12 -25.59 -15.82
N TRP B 107 -2.40 -25.07 -17.01
CA TRP B 107 -3.00 -23.76 -17.17
C TRP B 107 -4.25 -23.87 -18.03
N GLY B 108 -5.13 -22.87 -17.91
CA GLY B 108 -6.36 -22.82 -18.66
C GLY B 108 -6.19 -22.10 -19.99
N GLN B 109 -7.33 -21.82 -20.62
CA GLN B 109 -7.33 -21.15 -21.92
C GLN B 109 -7.30 -19.64 -21.80
N GLY B 110 -7.91 -19.08 -20.76
CA GLY B 110 -7.89 -17.65 -20.56
C GLY B 110 -9.13 -16.95 -21.07
N THR B 111 -9.75 -16.11 -20.25
CA THR B 111 -10.93 -15.37 -20.65
C THR B 111 -10.69 -13.87 -20.50
N THR B 112 -11.22 -13.10 -21.44
CA THR B 112 -10.98 -11.66 -21.47
C THR B 112 -12.04 -10.94 -20.67
N VAL B 113 -11.61 -9.95 -19.88
CA VAL B 113 -12.52 -9.08 -19.13
C VAL B 113 -12.15 -7.65 -19.48
N THR B 114 -13.10 -6.92 -20.07
CA THR B 114 -12.88 -5.55 -20.50
C THR B 114 -13.88 -4.65 -19.81
N VAL B 115 -13.38 -3.60 -19.17
CA VAL B 115 -14.21 -2.64 -18.44
C VAL B 115 -13.94 -1.25 -19.01
N SER B 116 -15.02 -0.52 -19.30
CA SER B 116 -14.94 0.81 -19.88
C SER B 116 -16.32 1.45 -19.78
N SER B 117 -16.45 2.64 -20.35
CA SER B 117 -17.70 3.38 -20.34
C SER B 117 -18.67 2.92 -21.41
N ALA B 118 -18.44 1.74 -21.99
CA ALA B 118 -19.36 1.10 -22.94
C ALA B 118 -19.47 1.98 -24.18
N SER B 119 -20.66 2.43 -24.57
CA SER B 119 -20.89 3.18 -25.80
C SER B 119 -20.45 2.36 -27.02
N THR B 120 -21.06 1.19 -27.14
CA THR B 120 -20.80 0.33 -28.30
C THR B 120 -21.35 0.96 -29.56
N LYS B 121 -20.58 0.86 -30.64
CA LYS B 121 -20.99 1.42 -31.93
C LYS B 121 -20.07 0.85 -33.02
N GLY B 122 -20.43 1.15 -34.26
CA GLY B 122 -19.69 0.65 -35.40
C GLY B 122 -18.54 1.55 -35.79
N PRO B 123 -17.77 1.12 -36.79
CA PRO B 123 -16.60 1.88 -37.21
C PRO B 123 -16.88 2.87 -38.33
N SER B 124 -15.95 3.81 -38.49
CA SER B 124 -15.94 4.74 -39.61
C SER B 124 -14.74 4.41 -40.49
N VAL B 125 -14.99 4.17 -41.77
CA VAL B 125 -13.99 3.71 -42.71
C VAL B 125 -13.63 4.84 -43.67
N PHE B 126 -12.34 5.01 -43.92
CA PHE B 126 -11.86 6.02 -44.85
C PHE B 126 -10.86 5.42 -45.82
N PRO B 127 -10.88 5.87 -47.07
CA PRO B 127 -9.94 5.33 -48.06
C PRO B 127 -8.63 6.10 -48.12
N LEU B 128 -7.51 5.37 -48.16
CA LEU B 128 -6.18 5.95 -48.34
C LEU B 128 -5.74 5.58 -49.75
N ALA B 129 -5.95 6.49 -50.69
CA ALA B 129 -5.73 6.37 -52.12
C ALA B 129 -4.28 6.69 -52.47
N PRO B 130 -3.71 5.97 -53.44
CA PRO B 130 -2.35 6.28 -53.89
C PRO B 130 -2.32 7.57 -54.68
N SER B 131 -1.14 8.18 -54.73
CA SER B 131 -0.94 9.42 -55.45
C SER B 131 0.51 9.51 -55.90
N SER B 132 0.89 10.66 -56.45
CA SER B 132 2.26 10.87 -56.87
C SER B 132 3.22 10.83 -55.68
N LYS B 133 2.82 11.39 -54.54
CA LYS B 133 3.64 11.36 -53.34
C LYS B 133 3.74 9.98 -52.73
N SER B 134 2.91 9.02 -53.15
CA SER B 134 2.92 7.67 -52.61
C SER B 134 3.47 6.65 -53.61
N THR B 135 4.28 7.10 -54.56
CA THR B 135 4.91 6.22 -55.55
C THR B 135 6.41 6.24 -55.34
N SER B 136 7.01 5.06 -55.28
CA SER B 136 8.46 4.95 -55.06
C SER B 136 8.93 3.62 -55.60
N GLY B 137 9.74 3.66 -56.65
CA GLY B 137 10.31 2.45 -57.23
C GLY B 137 9.31 1.50 -57.86
N GLY B 138 8.26 2.04 -58.48
CA GLY B 138 7.29 1.23 -59.17
C GLY B 138 6.24 0.59 -58.29
N THR B 139 6.25 0.85 -56.99
CA THR B 139 5.26 0.31 -56.08
C THR B 139 4.60 1.43 -55.30
N ALA B 140 3.28 1.34 -55.14
CA ALA B 140 2.51 2.34 -54.43
C ALA B 140 1.66 1.65 -53.36
N ALA B 141 1.46 2.34 -52.25
CA ALA B 141 0.77 1.79 -51.10
C ALA B 141 -0.58 2.48 -50.92
N LEU B 142 -1.62 1.68 -50.72
CA LEU B 142 -2.96 2.17 -50.45
C LEU B 142 -3.51 1.43 -49.23
N GLY B 143 -4.67 1.85 -48.76
CA GLY B 143 -5.21 1.17 -47.59
C GLY B 143 -6.56 1.71 -47.16
N CYS B 144 -7.01 1.20 -46.02
CA CYS B 144 -8.27 1.59 -45.41
C CYS B 144 -8.03 1.89 -43.93
N LEU B 145 -8.51 3.04 -43.48
CA LEU B 145 -8.37 3.45 -42.09
C LEU B 145 -9.71 3.24 -41.37
N VAL B 146 -9.66 2.65 -40.19
CA VAL B 146 -10.84 2.37 -39.37
C VAL B 146 -10.71 3.18 -38.10
N LYS B 147 -11.74 3.98 -37.79
CA LYS B 147 -11.69 4.87 -36.65
C LYS B 147 -12.99 4.79 -35.85
N ASP B 148 -12.86 4.98 -34.54
CA ASP B 148 -14.01 5.17 -33.63
C ASP B 148 -14.96 3.99 -33.68
N TYR B 149 -14.46 2.84 -33.21
CA TYR B 149 -15.28 1.65 -33.06
C TYR B 149 -15.00 1.01 -31.71
N PHE B 150 -15.97 0.22 -31.24
CA PHE B 150 -15.90 -0.44 -29.95
C PHE B 150 -16.92 -1.56 -29.92
N PRO B 151 -16.58 -2.75 -29.40
CA PRO B 151 -15.25 -3.16 -28.95
C PRO B 151 -14.54 -4.08 -29.94
N GLU B 152 -13.38 -4.60 -29.53
CA GLU B 152 -12.66 -5.56 -30.35
C GLU B 152 -13.41 -6.90 -30.37
N PRO B 153 -13.13 -7.76 -31.36
CA PRO B 153 -12.26 -7.57 -32.54
C PRO B 153 -12.97 -7.03 -33.76
N VAL B 154 -12.21 -6.88 -34.84
CA VAL B 154 -12.73 -6.47 -36.14
C VAL B 154 -11.85 -7.12 -37.20
N THR B 155 -12.46 -7.57 -38.29
CA THR B 155 -11.74 -8.26 -39.35
C THR B 155 -11.69 -7.38 -40.60
N VAL B 156 -10.48 -7.12 -41.09
CA VAL B 156 -10.27 -6.30 -42.28
C VAL B 156 -9.56 -7.16 -43.31
N SER B 157 -10.19 -7.34 -44.47
CA SER B 157 -9.64 -8.12 -45.57
C SER B 157 -9.67 -7.28 -46.84
N TRP B 158 -9.07 -7.82 -47.90
CA TRP B 158 -8.99 -7.12 -49.17
C TRP B 158 -9.47 -8.01 -50.30
N ASN B 159 -10.39 -7.50 -51.11
CA ASN B 159 -10.92 -8.20 -52.28
C ASN B 159 -11.45 -9.58 -51.91
N SER B 160 -12.21 -9.63 -50.82
CA SER B 160 -12.89 -10.85 -50.37
C SER B 160 -11.89 -11.99 -50.18
N GLY B 161 -10.71 -11.67 -49.67
CA GLY B 161 -9.68 -12.67 -49.46
C GLY B 161 -8.85 -13.03 -50.66
N ALA B 162 -9.05 -12.36 -51.80
CA ALA B 162 -8.24 -12.63 -52.97
C ALA B 162 -6.82 -12.10 -52.83
N LEU B 163 -6.60 -11.10 -51.98
CA LEU B 163 -5.28 -10.54 -51.75
C LEU B 163 -4.73 -11.07 -50.44
N THR B 164 -3.54 -11.69 -50.51
CA THR B 164 -2.83 -12.14 -49.32
C THR B 164 -1.38 -11.65 -49.27
N SER B 165 -0.90 -10.98 -50.31
CA SER B 165 0.49 -10.55 -50.39
C SER B 165 0.60 -9.06 -50.14
N GLY B 166 1.48 -8.68 -49.23
CA GLY B 166 1.72 -7.28 -48.93
C GLY B 166 0.69 -6.63 -48.04
N VAL B 167 -0.18 -7.40 -47.40
CA VAL B 167 -1.23 -6.85 -46.56
C VAL B 167 -0.74 -6.78 -45.13
N HIS B 168 -0.84 -5.61 -44.53
CA HIS B 168 -0.45 -5.39 -43.14
C HIS B 168 -1.63 -4.80 -42.39
N THR B 169 -2.04 -5.49 -41.32
CA THR B 169 -3.09 -5.01 -40.42
C THR B 169 -2.47 -4.71 -39.07
N PHE B 170 -2.50 -3.47 -38.67
CA PHE B 170 -1.80 -3.07 -37.45
C PHE B 170 -2.68 -3.28 -36.23
N PRO B 171 -2.06 -3.48 -35.06
CA PRO B 171 -2.84 -3.62 -33.83
C PRO B 171 -3.60 -2.35 -33.49
N ALA B 172 -4.76 -2.54 -32.86
CA ALA B 172 -5.59 -1.41 -32.48
C ALA B 172 -4.96 -0.61 -31.33
N VAL B 173 -5.42 0.62 -31.18
CA VAL B 173 -4.91 1.53 -30.16
C VAL B 173 -6.09 2.19 -29.44
N LEU B 174 -5.94 2.40 -28.14
CA LEU B 174 -6.94 3.13 -27.38
C LEU B 174 -6.81 4.62 -27.65
N GLN B 175 -7.96 5.27 -27.82
CA GLN B 175 -8.02 6.72 -27.95
C GLN B 175 -8.46 7.34 -26.62
N SER B 176 -8.35 8.66 -26.55
CA SER B 176 -8.77 9.37 -25.35
C SER B 176 -10.27 9.27 -25.12
N SER B 177 -11.04 8.94 -26.15
CA SER B 177 -12.49 8.79 -26.04
C SER B 177 -12.92 7.36 -25.74
N GLY B 178 -11.99 6.44 -25.53
CA GLY B 178 -12.33 5.07 -25.26
C GLY B 178 -12.69 4.25 -26.47
N LEU B 179 -12.45 4.76 -27.67
CA LEU B 179 -12.76 4.06 -28.91
C LEU B 179 -11.48 3.55 -29.56
N TYR B 180 -11.65 2.59 -30.46
CA TYR B 180 -10.53 1.91 -31.11
C TYR B 180 -10.30 2.46 -32.52
N SER B 181 -9.07 2.29 -32.99
CA SER B 181 -8.72 2.68 -34.34
C SER B 181 -7.56 1.83 -34.84
N LEU B 182 -7.55 1.59 -36.14
CA LEU B 182 -6.47 0.84 -36.78
C LEU B 182 -6.44 1.18 -38.26
N SER B 183 -5.54 0.54 -38.99
CA SER B 183 -5.42 0.74 -40.42
C SER B 183 -4.91 -0.54 -41.05
N SER B 184 -5.37 -0.80 -42.27
CA SER B 184 -4.93 -1.96 -43.05
C SER B 184 -4.40 -1.46 -44.38
N VAL B 185 -3.15 -1.83 -44.70
CA VAL B 185 -2.46 -1.28 -45.85
C VAL B 185 -2.00 -2.41 -46.75
N VAL B 186 -1.75 -2.07 -48.01
CA VAL B 186 -1.25 -3.02 -49.00
C VAL B 186 -0.49 -2.25 -50.07
N THR B 187 0.60 -2.84 -50.55
CA THR B 187 1.42 -2.26 -51.60
C THR B 187 1.23 -3.05 -52.89
N VAL B 188 1.07 -2.33 -53.99
CA VAL B 188 0.78 -2.91 -55.30
C VAL B 188 1.70 -2.24 -56.33
N PRO B 189 2.15 -2.95 -57.36
CA PRO B 189 2.96 -2.29 -58.40
C PRO B 189 2.22 -1.11 -59.01
N SER B 190 2.98 -0.05 -59.30
CA SER B 190 2.38 1.20 -59.74
C SER B 190 1.68 1.05 -61.08
N SER B 191 2.26 0.28 -62.00
CA SER B 191 1.69 0.13 -63.33
C SER B 191 0.29 -0.49 -63.30
N SER B 192 -0.05 -1.19 -62.22
CA SER B 192 -1.36 -1.81 -62.08
C SER B 192 -2.34 -0.94 -61.30
N LEU B 193 -1.96 0.30 -60.97
CA LEU B 193 -2.81 1.14 -60.13
C LEU B 193 -4.14 1.45 -60.82
N GLY B 194 -4.11 1.73 -62.11
CA GLY B 194 -5.30 2.13 -62.83
C GLY B 194 -6.14 0.99 -63.38
N THR B 195 -5.77 -0.26 -63.13
CA THR B 195 -6.50 -1.39 -63.67
C THR B 195 -6.98 -2.37 -62.62
N GLN B 196 -6.20 -2.60 -61.56
CA GLN B 196 -6.56 -3.60 -60.58
C GLN B 196 -7.74 -3.13 -59.73
N THR B 197 -8.37 -4.10 -59.06
CA THR B 197 -9.54 -3.85 -58.22
C THR B 197 -9.10 -3.72 -56.77
N TYR B 198 -9.59 -2.68 -56.08
CA TYR B 198 -9.21 -2.39 -54.70
C TYR B 198 -10.48 -2.21 -53.88
N ILE B 199 -10.91 -3.28 -53.22
CA ILE B 199 -12.09 -3.27 -52.36
C ILE B 199 -11.70 -3.86 -51.01
N CYS B 200 -11.84 -3.06 -49.96
CA CYS B 200 -11.51 -3.51 -48.61
C CYS B 200 -12.78 -3.78 -47.82
N ASN B 201 -12.78 -4.88 -47.09
CA ASN B 201 -13.94 -5.35 -46.34
C ASN B 201 -13.64 -5.24 -44.85
N VAL B 202 -14.55 -4.60 -44.12
CA VAL B 202 -14.45 -4.44 -42.67
C VAL B 202 -15.68 -5.05 -42.03
N ASN B 203 -15.46 -5.98 -41.10
CA ASN B 203 -16.55 -6.67 -40.41
C ASN B 203 -16.36 -6.53 -38.90
N HIS B 204 -17.38 -6.00 -38.23
CA HIS B 204 -17.43 -5.87 -36.78
C HIS B 204 -18.57 -6.74 -36.27
N LYS B 205 -18.22 -7.87 -35.64
CA LYS B 205 -19.23 -8.81 -35.17
C LYS B 205 -20.12 -8.24 -34.06
N PRO B 206 -19.60 -7.59 -33.01
CA PRO B 206 -20.50 -7.12 -31.94
C PRO B 206 -21.59 -6.19 -32.41
N SER B 207 -21.31 -5.33 -33.39
CA SER B 207 -22.33 -4.48 -33.99
C SER B 207 -22.95 -5.11 -35.23
N ASN B 208 -22.46 -6.27 -35.66
CA ASN B 208 -22.96 -6.94 -36.87
C ASN B 208 -22.89 -6.03 -38.08
N THR B 209 -21.79 -5.31 -38.22
CA THR B 209 -21.61 -4.34 -39.30
C THR B 209 -20.66 -4.90 -40.33
N LYS B 210 -21.04 -4.79 -41.60
CA LYS B 210 -20.22 -5.23 -42.72
C LYS B 210 -20.14 -4.13 -43.76
N VAL B 211 -18.93 -3.74 -44.13
CA VAL B 211 -18.70 -2.67 -45.10
C VAL B 211 -17.75 -3.19 -46.18
N ASP B 212 -18.11 -2.98 -47.43
CA ASP B 212 -17.24 -3.25 -48.57
C ASP B 212 -17.00 -1.93 -49.30
N LYS B 213 -15.81 -1.38 -49.15
CA LYS B 213 -15.52 -0.02 -49.60
C LYS B 213 -14.48 -0.07 -50.71
N ARG B 214 -14.76 0.64 -51.81
CA ARG B 214 -13.86 0.71 -52.95
C ARG B 214 -12.89 1.87 -52.78
N VAL B 215 -11.60 1.62 -53.02
CA VAL B 215 -10.56 2.63 -52.91
C VAL B 215 -10.02 2.89 -54.31
N GLU B 216 -10.08 4.16 -54.73
CA GLU B 216 -9.62 4.55 -56.06
C GLU B 216 -8.74 5.78 -55.95
N PRO B 217 -7.80 5.97 -56.88
CA PRO B 217 -6.89 7.11 -56.79
C PRO B 217 -7.63 8.44 -56.89
N LYS B 218 -7.08 9.44 -56.22
CA LYS B 218 -7.65 10.77 -56.23
C LYS B 218 -7.03 11.61 -57.34
N SER B 219 -7.87 12.35 -58.06
CA SER B 219 -7.40 13.19 -59.15
C SER B 219 -7.69 14.66 -58.86
N ASP C 1 8.12 -8.48 0.91
CA ASP C 1 7.98 -8.23 -0.51
C ASP C 1 9.34 -8.24 -1.20
N ILE C 2 9.52 -9.18 -2.13
CA ILE C 2 10.77 -9.32 -2.87
C ILE C 2 10.44 -9.30 -4.37
N GLN C 3 11.26 -8.59 -5.12
CA GLN C 3 11.06 -8.40 -6.55
C GLN C 3 12.13 -9.11 -7.35
N LEU C 4 11.78 -9.53 -8.56
CA LEU C 4 12.69 -10.20 -9.47
C LEU C 4 12.88 -9.35 -10.72
N THR C 5 14.10 -9.36 -11.25
CA THR C 5 14.46 -8.54 -12.39
C THR C 5 15.09 -9.40 -13.48
N GLN C 6 14.57 -9.26 -14.70
CA GLN C 6 15.19 -9.82 -15.89
C GLN C 6 16.10 -8.78 -16.50
N SER C 7 17.37 -9.13 -16.71
CA SER C 7 18.30 -8.13 -17.21
C SER C 7 18.12 -7.90 -18.72
N PRO C 8 18.19 -8.94 -19.57
CA PRO C 8 18.00 -8.70 -21.01
C PRO C 8 16.54 -8.60 -21.40
N SER C 9 15.94 -7.43 -21.25
CA SER C 9 14.51 -7.26 -21.53
C SER C 9 14.18 -7.63 -22.97
N PHE C 10 14.99 -7.17 -23.92
CA PHE C 10 14.87 -7.55 -25.32
C PHE C 10 16.18 -8.15 -25.79
N LEU C 11 16.10 -9.17 -26.64
CA LEU C 11 17.30 -9.85 -27.08
C LEU C 11 17.02 -10.57 -28.40
N SER C 12 17.98 -10.50 -29.32
CA SER C 12 17.85 -11.08 -30.64
C SER C 12 19.00 -12.04 -30.91
N ALA C 13 18.70 -13.13 -31.60
CA ALA C 13 19.70 -14.14 -31.92
C ALA C 13 19.23 -14.93 -33.12
N SER C 14 20.16 -15.68 -33.72
CA SER C 14 19.88 -16.51 -34.87
C SER C 14 19.73 -17.97 -34.46
N VAL C 15 19.25 -18.79 -35.40
CA VAL C 15 19.03 -20.20 -35.12
C VAL C 15 20.38 -20.90 -34.97
N GLY C 16 20.53 -21.66 -33.88
CA GLY C 16 21.74 -22.40 -33.61
C GLY C 16 22.67 -21.76 -32.61
N ASP C 17 22.34 -20.57 -32.10
CA ASP C 17 23.21 -19.88 -31.16
C ASP C 17 23.00 -20.43 -29.74
N ARG C 18 23.71 -19.83 -28.79
CA ARG C 18 23.59 -20.14 -27.37
C ARG C 18 23.11 -18.90 -26.65
N VAL C 19 22.06 -19.03 -25.84
CA VAL C 19 21.44 -17.89 -25.19
C VAL C 19 21.32 -18.15 -23.70
N THR C 20 21.60 -17.12 -22.90
CA THR C 20 21.53 -17.19 -21.45
C THR C 20 20.73 -16.00 -20.93
N ILE C 21 19.76 -16.27 -20.06
CA ILE C 21 18.87 -15.25 -19.51
C ILE C 21 18.98 -15.32 -17.99
N THR C 22 19.13 -14.16 -17.36
CA THR C 22 19.37 -14.08 -15.92
C THR C 22 18.20 -13.42 -15.20
N CYS C 23 17.84 -13.98 -14.06
CA CYS C 23 16.81 -13.44 -13.18
C CYS C 23 17.44 -13.22 -11.81
N ARG C 24 17.37 -11.99 -11.32
CA ARG C 24 18.01 -11.63 -10.07
C ARG C 24 16.97 -11.16 -9.04
N ALA C 25 17.15 -11.59 -7.80
CA ALA C 25 16.25 -11.28 -6.71
C ALA C 25 16.81 -10.11 -5.89
N SER C 26 16.16 -9.81 -4.78
CA SER C 26 16.55 -8.71 -3.91
C SER C 26 17.26 -9.18 -2.65
N GLN C 27 16.67 -10.12 -1.91
CA GLN C 27 17.20 -10.56 -0.63
C GLN C 27 17.68 -12.00 -0.65
N GLY C 28 16.79 -12.94 -0.99
CA GLY C 28 17.13 -14.35 -0.95
C GLY C 28 15.93 -15.22 -1.21
N ILE C 29 16.11 -16.26 -2.02
CA ILE C 29 14.99 -17.07 -2.49
C ILE C 29 15.20 -18.56 -2.26
N SER C 30 16.44 -19.01 -2.05
CA SER C 30 16.80 -20.43 -2.03
C SER C 30 16.56 -21.06 -3.39
N SER C 31 16.62 -22.38 -3.46
CA SER C 31 16.52 -23.08 -4.75
C SER C 31 15.08 -23.39 -5.12
N ASP C 32 14.22 -22.37 -5.10
CA ASP C 32 12.82 -22.51 -5.50
C ASP C 32 12.51 -21.38 -6.48
N LEU C 33 12.79 -21.61 -7.75
CA LEU C 33 12.49 -20.66 -8.82
C LEU C 33 11.97 -21.43 -10.02
N ALA C 34 10.99 -20.86 -10.70
CA ALA C 34 10.34 -21.50 -11.84
C ALA C 34 10.50 -20.65 -13.09
N TRP C 35 10.86 -21.32 -14.18
CA TRP C 35 11.06 -20.68 -15.48
C TRP C 35 9.94 -21.12 -16.42
N TYR C 36 9.17 -20.15 -16.92
CA TYR C 36 8.02 -20.36 -17.78
C TYR C 36 8.27 -19.72 -19.15
N GLN C 37 7.61 -20.29 -20.16
CA GLN C 37 7.66 -19.80 -21.53
C GLN C 37 6.26 -19.47 -22.01
N GLN C 38 6.12 -18.35 -22.71
CA GLN C 38 4.83 -17.90 -23.23
C GLN C 38 4.99 -17.39 -24.65
N LYS C 39 4.28 -18.01 -25.57
CA LYS C 39 4.10 -17.59 -26.95
C LYS C 39 2.91 -16.65 -27.05
N PRO C 40 2.84 -15.80 -28.07
CA PRO C 40 1.80 -14.76 -28.08
C PRO C 40 0.45 -15.33 -28.49
N GLY C 41 -0.55 -15.09 -27.64
CA GLY C 41 -1.88 -15.61 -27.86
C GLY C 41 -2.13 -16.98 -27.25
N LYS C 42 -1.22 -17.48 -26.43
CA LYS C 42 -1.35 -18.80 -25.83
C LYS C 42 -1.00 -18.74 -24.35
N ALA C 43 -1.44 -19.76 -23.62
CA ALA C 43 -1.17 -19.82 -22.20
C ALA C 43 0.30 -20.17 -21.95
N PRO C 44 0.85 -19.73 -20.83
CA PRO C 44 2.25 -20.06 -20.51
C PRO C 44 2.44 -21.54 -20.26
N ASN C 45 3.67 -21.99 -20.50
CA ASN C 45 4.09 -23.37 -20.26
C ASN C 45 5.26 -23.38 -19.29
N LEU C 46 5.29 -24.40 -18.44
CA LEU C 46 6.34 -24.54 -17.45
C LEU C 46 7.53 -25.27 -18.07
N LEU C 47 8.71 -24.66 -17.93
CA LEU C 47 9.95 -25.26 -18.41
C LEU C 47 10.80 -25.83 -17.29
N ILE C 48 11.13 -25.02 -16.29
CA ILE C 48 12.08 -25.43 -15.24
C ILE C 48 11.46 -25.16 -13.88
N TYR C 49 11.64 -26.10 -12.95
CA TYR C 49 11.28 -25.89 -11.56
C TYR C 49 12.45 -26.30 -10.67
N ALA C 50 12.49 -25.69 -9.49
CA ALA C 50 13.57 -25.83 -8.52
C ALA C 50 14.91 -25.34 -9.06
N ALA C 51 14.86 -24.52 -10.12
CA ALA C 51 16.01 -23.85 -10.71
C ALA C 51 16.97 -24.81 -11.39
N SER C 52 16.73 -26.11 -11.29
CA SER C 52 17.61 -27.09 -11.93
C SER C 52 16.92 -28.25 -12.62
N THR C 53 15.64 -28.49 -12.38
CA THR C 53 14.96 -29.69 -12.87
C THR C 53 14.11 -29.36 -14.09
N LEU C 54 14.05 -30.30 -15.03
CA LEU C 54 13.29 -30.15 -16.25
C LEU C 54 11.94 -30.82 -16.12
N GLN C 55 10.89 -30.12 -16.51
CA GLN C 55 9.56 -30.71 -16.53
C GLN C 55 9.48 -31.76 -17.63
N SER C 56 8.72 -32.83 -17.36
CA SER C 56 8.57 -33.92 -18.31
C SER C 56 7.98 -33.42 -19.62
N GLY C 57 8.69 -33.66 -20.72
CA GLY C 57 8.28 -33.24 -22.04
C GLY C 57 9.08 -32.09 -22.61
N VAL C 58 9.79 -31.35 -21.77
CA VAL C 58 10.61 -30.23 -22.21
C VAL C 58 11.87 -30.79 -22.87
N PRO C 59 12.28 -30.26 -24.03
CA PRO C 59 13.50 -30.75 -24.68
C PRO C 59 14.73 -30.50 -23.81
N SER C 60 15.72 -31.37 -23.96
CA SER C 60 16.90 -31.35 -23.11
C SER C 60 17.81 -30.15 -23.37
N ARG C 61 17.56 -29.37 -24.42
CA ARG C 61 18.40 -28.22 -24.73
C ARG C 61 18.21 -27.07 -23.74
N PHE C 62 17.20 -27.13 -22.87
CA PHE C 62 17.02 -26.14 -21.82
C PHE C 62 17.74 -26.60 -20.56
N SER C 63 18.47 -25.68 -19.92
CA SER C 63 19.16 -26.03 -18.69
C SER C 63 19.23 -24.81 -17.78
N GLY C 64 18.89 -25.01 -16.50
CA GLY C 64 18.92 -23.90 -15.57
C GLY C 64 19.85 -24.13 -14.40
N SER C 65 20.35 -23.05 -13.80
CA SER C 65 21.23 -23.18 -12.65
C SER C 65 21.24 -21.89 -11.86
N GLY C 66 21.37 -22.02 -10.55
CA GLY C 66 21.48 -20.87 -9.68
C GLY C 66 20.98 -21.20 -8.28
N SER C 67 21.41 -20.37 -7.32
CA SER C 67 21.00 -20.51 -5.94
C SER C 67 21.32 -19.21 -5.22
N GLY C 68 20.36 -18.71 -4.44
CA GLY C 68 20.56 -17.50 -3.68
C GLY C 68 19.90 -16.28 -4.28
N THR C 69 20.68 -15.42 -4.94
CA THR C 69 20.19 -14.16 -5.46
C THR C 69 20.19 -14.04 -6.97
N GLU C 70 20.93 -14.89 -7.69
CA GLU C 70 20.98 -14.84 -9.15
C GLU C 70 20.75 -16.22 -9.72
N PHE C 71 19.95 -16.30 -10.78
CA PHE C 71 19.66 -17.56 -11.46
C PHE C 71 19.76 -17.36 -12.96
N THR C 72 20.06 -18.44 -13.69
CA THR C 72 20.27 -18.36 -15.12
C THR C 72 19.60 -19.53 -15.82
N LEU C 73 19.10 -19.25 -17.02
CA LEU C 73 18.51 -20.25 -17.91
C LEU C 73 19.22 -20.19 -19.25
N THR C 74 19.63 -21.34 -19.77
CA THR C 74 20.44 -21.42 -20.97
C THR C 74 19.79 -22.34 -21.98
N ILE C 75 19.70 -21.86 -23.22
CA ILE C 75 19.30 -22.68 -24.36
C ILE C 75 20.52 -22.83 -25.26
N SER C 76 20.88 -24.07 -25.56
CA SER C 76 22.14 -24.37 -26.23
C SER C 76 22.02 -24.36 -27.75
N SER C 77 20.96 -24.94 -28.29
CA SER C 77 20.75 -25.01 -29.74
C SER C 77 19.34 -24.52 -30.06
N LEU C 78 19.24 -23.28 -30.50
CA LEU C 78 17.93 -22.71 -30.79
C LEU C 78 17.28 -23.39 -31.99
N GLN C 79 15.95 -23.41 -31.97
CA GLN C 79 15.12 -23.91 -33.05
C GLN C 79 14.08 -22.85 -33.36
N PRO C 80 13.49 -22.89 -34.56
CA PRO C 80 12.52 -21.85 -34.92
C PRO C 80 11.31 -21.78 -34.01
N GLU C 81 11.03 -22.84 -33.25
CA GLU C 81 9.90 -22.88 -32.33
C GLU C 81 10.29 -22.51 -30.91
N ASP C 82 11.32 -21.66 -30.75
CA ASP C 82 11.80 -21.27 -29.43
C ASP C 82 11.92 -19.76 -29.30
N PHE C 83 11.07 -19.01 -30.01
CA PHE C 83 11.11 -17.55 -29.99
C PHE C 83 9.83 -17.06 -29.30
N ALA C 84 9.95 -16.73 -28.02
CA ALA C 84 8.79 -16.32 -27.23
C ALA C 84 9.30 -15.51 -26.03
N THR C 85 8.43 -15.28 -25.06
CA THR C 85 8.79 -14.57 -23.84
C THR C 85 9.01 -15.57 -22.72
N TYR C 86 9.86 -15.19 -21.76
CA TYR C 86 10.21 -16.07 -20.65
C TYR C 86 10.08 -15.34 -19.33
N TYR C 87 9.65 -16.06 -18.30
CA TYR C 87 9.36 -15.48 -17.00
C TYR C 87 9.97 -16.32 -15.87
N CYS C 88 10.34 -15.65 -14.78
CA CYS C 88 10.81 -16.31 -13.56
C CYS C 88 9.84 -16.01 -12.42
N GLN C 89 9.56 -17.05 -11.62
CA GLN C 89 8.54 -16.98 -10.57
C GLN C 89 9.06 -17.62 -9.29
N GLN C 90 8.56 -17.14 -8.16
CA GLN C 90 8.93 -17.68 -6.85
C GLN C 90 7.79 -17.48 -5.87
N LEU C 91 7.73 -18.37 -4.86
CA LEU C 91 6.62 -18.35 -3.89
C LEU C 91 6.86 -17.36 -2.75
N ASN C 92 7.85 -17.62 -1.90
CA ASN C 92 8.21 -16.78 -0.77
C ASN C 92 7.00 -16.54 0.15
N SER C 93 6.55 -17.62 0.78
CA SER C 93 5.67 -17.57 1.95
C SER C 93 4.37 -16.82 1.65
N ASP C 94 3.55 -17.46 0.81
CA ASP C 94 2.15 -17.15 0.45
C ASP C 94 2.02 -16.00 -0.55
N LEU C 95 3.11 -15.54 -1.14
CA LEU C 95 3.07 -14.58 -2.21
C LEU C 95 3.41 -15.26 -3.53
N TYR C 96 3.34 -14.50 -4.61
CA TYR C 96 3.70 -14.97 -5.94
C TYR C 96 4.15 -13.78 -6.74
N THR C 97 5.43 -13.74 -7.11
CA THR C 97 5.97 -12.62 -7.86
C THR C 97 6.60 -13.13 -9.13
N PHE C 98 6.27 -12.48 -10.25
CA PHE C 98 6.79 -12.82 -11.56
C PHE C 98 7.79 -11.77 -12.01
N GLY C 99 8.54 -12.10 -13.06
CA GLY C 99 9.47 -11.15 -13.64
C GLY C 99 8.82 -10.25 -14.67
N GLN C 100 9.59 -9.25 -15.11
CA GLN C 100 9.08 -8.32 -16.10
C GLN C 100 8.86 -8.99 -17.45
N GLY C 101 9.77 -9.88 -17.84
CA GLY C 101 9.59 -10.58 -19.11
C GLY C 101 10.75 -10.33 -20.06
N THR C 102 11.30 -11.41 -20.60
CA THR C 102 12.39 -11.34 -21.56
C THR C 102 11.89 -11.84 -22.90
N LYS C 103 12.01 -11.01 -23.93
CA LYS C 103 11.53 -11.33 -25.26
C LYS C 103 12.70 -11.72 -26.16
N LEU C 104 12.51 -12.79 -26.92
CA LEU C 104 13.54 -13.32 -27.81
C LEU C 104 13.07 -13.16 -29.24
N GLU C 105 13.91 -12.56 -30.08
CA GLU C 105 13.56 -12.25 -31.45
C GLU C 105 14.59 -12.83 -32.40
N ILE C 106 14.24 -12.86 -33.68
CA ILE C 106 15.12 -13.33 -34.74
C ILE C 106 15.93 -12.16 -35.27
N LYS C 107 17.16 -12.43 -35.70
CA LYS C 107 18.06 -11.40 -36.18
C LYS C 107 18.11 -11.41 -37.71
N ARG C 108 18.26 -10.23 -38.28
CA ARG C 108 18.26 -10.05 -39.73
C ARG C 108 19.19 -8.91 -40.09
N THR C 109 19.62 -8.89 -41.34
CA THR C 109 20.45 -7.79 -41.82
C THR C 109 19.63 -6.50 -41.85
N VAL C 110 20.33 -5.37 -41.75
CA VAL C 110 19.66 -4.08 -41.66
C VAL C 110 19.03 -3.74 -43.00
N ALA C 111 17.74 -3.40 -42.97
CA ALA C 111 16.99 -3.04 -44.16
C ALA C 111 16.41 -1.65 -43.99
N ALA C 112 16.60 -0.80 -45.01
CA ALA C 112 16.13 0.57 -44.91
C ALA C 112 14.61 0.62 -44.98
N PRO C 113 13.97 1.49 -44.23
CA PRO C 113 12.51 1.62 -44.29
C PRO C 113 12.06 2.33 -45.56
N SER C 114 10.81 2.04 -45.93
CA SER C 114 10.13 2.76 -47.00
C SER C 114 9.08 3.67 -46.37
N VAL C 115 9.08 4.94 -46.76
CA VAL C 115 8.27 5.96 -46.11
C VAL C 115 7.14 6.36 -47.07
N PHE C 116 5.92 6.37 -46.55
CA PHE C 116 4.77 6.87 -47.29
C PHE C 116 3.97 7.82 -46.39
N ILE C 117 3.24 8.74 -47.00
CA ILE C 117 2.41 9.70 -46.28
C ILE C 117 1.03 9.74 -46.92
N PHE C 118 0.00 9.89 -46.10
CA PHE C 118 -1.38 9.96 -46.57
C PHE C 118 -2.08 11.11 -45.88
N PRO C 119 -2.64 12.06 -46.63
CA PRO C 119 -3.34 13.19 -46.03
C PRO C 119 -4.76 12.81 -45.64
N PRO C 120 -5.43 13.62 -44.82
CA PRO C 120 -6.81 13.33 -44.49
C PRO C 120 -7.69 13.34 -45.73
N SER C 121 -8.60 12.37 -45.79
CA SER C 121 -9.49 12.25 -46.94
C SER C 121 -10.59 13.31 -46.87
N ASP C 122 -11.23 13.53 -48.01
CA ASP C 122 -12.31 14.52 -48.08
C ASP C 122 -13.47 14.13 -47.18
N GLU C 123 -13.80 12.83 -47.14
CA GLU C 123 -14.90 12.38 -46.28
C GLU C 123 -14.59 12.65 -44.82
N GLN C 124 -13.35 12.39 -44.39
CA GLN C 124 -12.97 12.69 -43.02
C GLN C 124 -13.02 14.19 -42.76
N LEU C 125 -12.60 14.99 -43.73
CA LEU C 125 -12.64 16.44 -43.57
C LEU C 125 -14.06 16.94 -43.37
N LYS C 126 -15.01 16.40 -44.13
CA LYS C 126 -16.41 16.78 -43.96
C LYS C 126 -17.08 16.06 -42.80
N SER C 127 -16.42 15.09 -42.18
CA SER C 127 -16.96 14.42 -41.02
C SER C 127 -16.68 15.16 -39.72
N GLY C 128 -15.80 16.16 -39.72
CA GLY C 128 -15.49 16.93 -38.54
C GLY C 128 -14.08 16.76 -38.01
N THR C 129 -13.32 15.79 -38.51
CA THR C 129 -11.96 15.55 -38.05
C THR C 129 -11.01 15.56 -39.24
N ALA C 130 -9.72 15.32 -38.95
CA ALA C 130 -8.71 15.26 -40.00
C ALA C 130 -7.51 14.51 -39.45
N SER C 131 -7.19 13.35 -40.03
CA SER C 131 -6.07 12.54 -39.59
C SER C 131 -5.08 12.40 -40.74
N VAL C 132 -3.81 12.70 -40.46
CA VAL C 132 -2.72 12.49 -41.40
C VAL C 132 -1.89 11.31 -40.90
N VAL C 133 -1.61 10.37 -41.80
CA VAL C 133 -1.04 9.09 -41.38
C VAL C 133 0.26 8.81 -42.16
N CYS C 134 1.30 8.43 -41.42
CA CYS C 134 2.60 8.14 -41.99
C CYS C 134 2.91 6.65 -41.82
N LEU C 135 3.43 6.04 -42.88
CA LEU C 135 3.63 4.60 -42.95
C LEU C 135 5.11 4.28 -43.16
N LEU C 136 5.63 3.38 -42.34
CA LEU C 136 6.98 2.84 -42.47
C LEU C 136 6.86 1.37 -42.83
N ASN C 137 7.52 0.96 -43.90
CA ASN C 137 7.36 -0.38 -44.43
C ASN C 137 8.71 -1.09 -44.52
N ASN C 138 8.75 -2.31 -43.99
CA ASN C 138 9.83 -3.28 -44.22
C ASN C 138 11.19 -2.73 -43.80
N PHE C 139 11.32 -2.53 -42.49
CA PHE C 139 12.58 -2.08 -41.90
C PHE C 139 13.02 -3.04 -40.80
N TYR C 140 14.25 -2.83 -40.34
CA TYR C 140 14.85 -3.61 -39.26
C TYR C 140 16.09 -2.86 -38.76
N PRO C 141 16.29 -2.76 -37.44
CA PRO C 141 15.46 -3.32 -36.38
C PRO C 141 14.31 -2.41 -35.97
N ARG C 142 13.72 -2.68 -34.81
CA ARG C 142 12.51 -1.97 -34.39
C ARG C 142 12.78 -0.50 -34.12
N GLU C 143 13.98 -0.16 -33.66
CA GLU C 143 14.28 1.21 -33.26
C GLU C 143 14.17 2.18 -34.44
N ALA C 144 13.14 3.02 -34.42
CA ALA C 144 12.95 4.04 -35.45
C ALA C 144 12.01 5.09 -34.90
N LYS C 145 12.28 6.35 -35.21
CA LYS C 145 11.51 7.46 -34.68
C LYS C 145 10.85 8.25 -35.80
N VAL C 146 9.65 8.74 -35.51
CA VAL C 146 8.86 9.51 -36.45
C VAL C 146 8.43 10.81 -35.77
N GLN C 147 8.68 11.93 -36.43
CA GLN C 147 8.35 13.25 -35.90
C GLN C 147 7.41 13.98 -36.85
N TRP C 148 6.39 14.61 -36.29
CA TRP C 148 5.42 15.38 -37.05
C TRP C 148 5.83 16.85 -37.03
N LYS C 149 5.86 17.48 -38.20
CA LYS C 149 6.19 18.89 -38.32
C LYS C 149 5.09 19.58 -39.11
N VAL C 150 4.30 20.41 -38.44
CA VAL C 150 3.27 21.20 -39.08
C VAL C 150 3.81 22.61 -39.31
N ASP C 151 3.74 23.08 -40.56
CA ASP C 151 4.28 24.37 -40.97
C ASP C 151 5.75 24.50 -40.55
N ASN C 152 6.51 23.41 -40.75
CA ASN C 152 7.93 23.35 -40.42
C ASN C 152 8.19 23.59 -38.93
N ALA C 153 7.20 23.30 -38.09
CA ALA C 153 7.32 23.42 -36.64
C ALA C 153 6.96 22.09 -36.01
N LEU C 154 7.83 21.61 -35.12
CA LEU C 154 7.62 20.32 -34.49
C LEU C 154 6.36 20.32 -33.65
N GLN C 155 5.56 19.27 -33.77
CA GLN C 155 4.32 19.11 -33.02
C GLN C 155 4.47 17.93 -32.07
N SER C 156 3.90 18.07 -30.86
CA SER C 156 4.23 17.17 -29.76
C SER C 156 3.15 16.13 -29.48
N GLY C 157 1.93 16.57 -29.21
CA GLY C 157 0.86 15.67 -28.80
C GLY C 157 0.06 15.14 -29.98
N ASN C 158 -1.07 14.49 -29.63
CA ASN C 158 -2.03 14.01 -30.62
C ASN C 158 -1.41 13.03 -31.61
N SER C 159 -0.42 12.26 -31.16
CA SER C 159 0.26 11.30 -32.03
C SER C 159 0.29 9.93 -31.37
N GLN C 160 0.08 8.88 -32.17
CA GLN C 160 0.08 7.52 -31.68
C GLN C 160 0.80 6.63 -32.70
N GLU C 161 1.34 5.51 -32.22
CA GLU C 161 2.13 4.62 -33.03
C GLU C 161 1.63 3.19 -32.89
N SER C 162 1.73 2.43 -33.98
CA SER C 162 1.35 1.03 -33.99
C SER C 162 2.35 0.24 -34.82
N VAL C 163 2.91 -0.81 -34.25
CA VAL C 163 3.96 -1.60 -34.88
C VAL C 163 3.52 -3.06 -34.92
N THR C 164 3.82 -3.74 -36.03
CA THR C 164 3.52 -5.14 -36.19
C THR C 164 4.64 -6.00 -35.62
N GLU C 165 4.42 -7.30 -35.63
CA GLU C 165 5.37 -8.26 -35.07
C GLU C 165 6.33 -8.75 -36.15
N GLN C 166 7.13 -9.75 -35.81
CA GLN C 166 8.03 -10.36 -36.78
C GLN C 166 7.26 -10.92 -37.97
N ASP C 167 7.75 -10.64 -39.17
CA ASP C 167 7.19 -11.24 -40.37
C ASP C 167 7.59 -12.70 -40.46
N SER C 168 6.66 -13.54 -40.92
CA SER C 168 6.95 -14.97 -41.02
C SER C 168 7.98 -15.27 -42.11
N LYS C 169 7.97 -14.50 -43.19
CA LYS C 169 8.85 -14.78 -44.32
C LYS C 169 10.15 -13.97 -44.24
N ASP C 170 10.05 -12.65 -44.24
CA ASP C 170 11.23 -11.79 -44.29
C ASP C 170 11.73 -11.37 -42.92
N SER C 171 11.00 -11.66 -41.85
CA SER C 171 11.38 -11.26 -40.49
C SER C 171 11.57 -9.76 -40.38
N THR C 172 10.63 -9.01 -40.98
CA THR C 172 10.68 -7.55 -41.01
C THR C 172 9.50 -6.98 -40.23
N TYR C 173 9.53 -5.67 -40.02
CA TYR C 173 8.54 -4.95 -39.26
C TYR C 173 7.84 -3.91 -40.15
N SER C 174 6.86 -3.22 -39.55
CA SER C 174 6.15 -2.13 -40.20
C SER C 174 5.52 -1.28 -39.12
N LEU C 175 5.39 0.02 -39.40
CA LEU C 175 4.93 0.97 -38.41
C LEU C 175 3.93 1.93 -39.04
N SER C 176 2.99 2.40 -38.22
CA SER C 176 2.04 3.41 -38.65
C SER C 176 1.88 4.45 -37.55
N SER C 177 1.86 5.72 -37.95
CA SER C 177 1.67 6.82 -37.03
C SER C 177 0.55 7.72 -37.54
N THR C 178 -0.24 8.27 -36.61
CA THR C 178 -1.40 9.07 -36.96
C THR C 178 -1.41 10.35 -36.14
N LEU C 179 -1.64 11.48 -36.81
CA LEU C 179 -1.85 12.76 -36.15
C LEU C 179 -3.27 13.23 -36.44
N THR C 180 -4.02 13.51 -35.38
CA THR C 180 -5.44 13.80 -35.48
C THR C 180 -5.71 15.23 -35.03
N LEU C 181 -6.50 15.97 -35.81
CA LEU C 181 -6.86 17.35 -35.54
C LEU C 181 -8.29 17.59 -36.02
N SER C 182 -8.76 18.82 -35.87
CA SER C 182 -10.06 19.23 -36.35
C SER C 182 -9.90 20.01 -37.67
N LYS C 183 -10.99 20.59 -38.15
CA LYS C 183 -10.92 21.36 -39.40
C LYS C 183 -9.99 22.56 -39.25
N ALA C 184 -10.22 23.38 -38.22
CA ALA C 184 -9.55 24.66 -38.12
C ALA C 184 -8.04 24.49 -37.92
N ASP C 185 -7.65 23.59 -37.01
CA ASP C 185 -6.23 23.39 -36.75
C ASP C 185 -5.52 22.84 -37.98
N TYR C 186 -6.15 21.90 -38.68
CA TYR C 186 -5.55 21.34 -39.88
C TYR C 186 -5.42 22.39 -40.98
N GLU C 187 -6.46 23.21 -41.16
CA GLU C 187 -6.47 24.20 -42.22
C GLU C 187 -5.57 25.40 -41.92
N LYS C 188 -5.28 25.67 -40.65
CA LYS C 188 -4.43 26.78 -40.27
C LYS C 188 -2.95 26.49 -40.47
N HIS C 189 -2.62 25.43 -41.21
CA HIS C 189 -1.23 25.10 -41.52
C HIS C 189 -1.17 24.54 -42.92
N LYS C 190 0.00 24.70 -43.55
CA LYS C 190 0.20 24.31 -44.93
C LYS C 190 1.20 23.18 -45.09
N VAL C 191 2.39 23.32 -44.50
CA VAL C 191 3.45 22.33 -44.65
C VAL C 191 3.29 21.26 -43.58
N TYR C 192 3.21 20.01 -44.01
CA TYR C 192 3.16 18.87 -43.12
C TYR C 192 4.30 17.92 -43.49
N ALA C 193 5.07 17.49 -42.50
CA ALA C 193 6.23 16.65 -42.73
C ALA C 193 6.27 15.51 -41.72
N CYS C 194 6.61 14.33 -42.21
CA CYS C 194 6.82 13.14 -41.39
C CYS C 194 8.31 12.81 -41.46
N GLU C 195 9.07 13.30 -40.50
CA GLU C 195 10.50 13.05 -40.45
C GLU C 195 10.76 11.68 -39.84
N VAL C 196 11.56 10.87 -40.54
CA VAL C 196 11.81 9.49 -40.16
C VAL C 196 13.30 9.32 -39.88
N THR C 197 13.63 8.76 -38.72
CA THR C 197 15.01 8.48 -38.35
C THR C 197 15.16 7.00 -38.05
N HIS C 198 16.14 6.37 -38.70
CA HIS C 198 16.36 4.94 -38.56
C HIS C 198 17.79 4.63 -38.97
N GLN C 199 18.32 3.51 -38.42
CA GLN C 199 19.70 3.14 -38.66
C GLN C 199 19.98 2.86 -40.13
N GLY C 200 19.04 2.18 -40.81
CA GLY C 200 19.26 1.81 -42.20
C GLY C 200 19.44 2.98 -43.13
N LEU C 201 19.01 4.17 -42.71
CA LEU C 201 19.17 5.38 -43.52
C LEU C 201 20.46 6.10 -43.12
N SER C 202 21.29 6.43 -44.10
CA SER C 202 22.51 7.19 -43.83
C SER C 202 22.16 8.56 -43.26
N SER C 203 21.16 9.21 -43.82
CA SER C 203 20.60 10.46 -43.30
C SER C 203 19.11 10.32 -43.17
N PRO C 204 18.49 11.04 -42.23
CA PRO C 204 17.04 10.94 -42.06
C PRO C 204 16.30 11.32 -43.34
N VAL C 205 15.23 10.58 -43.63
CA VAL C 205 14.43 10.77 -44.83
C VAL C 205 13.07 11.30 -44.42
N THR C 206 12.67 12.43 -45.02
CA THR C 206 11.42 13.09 -44.69
C THR C 206 10.63 13.34 -45.97
N LYS C 207 9.33 13.08 -45.90
CA LYS C 207 8.41 13.38 -46.99
C LYS C 207 7.38 14.38 -46.50
N SER C 208 6.85 15.17 -47.44
CA SER C 208 5.99 16.29 -47.07
C SER C 208 4.95 16.52 -48.17
N PHE C 209 3.94 17.32 -47.82
CA PHE C 209 2.90 17.72 -48.75
C PHE C 209 2.26 19.00 -48.22
N ASN C 210 1.71 19.78 -49.15
CA ASN C 210 1.08 21.05 -48.81
C ASN C 210 -0.44 20.90 -48.82
N ARG C 211 -1.11 21.86 -48.17
CA ARG C 211 -2.57 21.84 -48.16
C ARG C 211 -3.14 22.24 -49.51
N GLY C 212 -2.41 23.02 -50.29
CA GLY C 212 -2.89 23.47 -51.59
C GLY C 212 -2.67 22.45 -52.69
N GLU C 213 -2.61 21.18 -52.33
CA GLU C 213 -2.41 20.12 -53.31
C GLU C 213 -2.96 18.80 -52.81
N VAL D 1 1.44 6.99 46.26
CA VAL D 1 2.39 6.60 45.22
C VAL D 1 2.68 7.79 44.31
N GLN D 2 3.95 8.18 44.24
CA GLN D 2 4.38 9.32 43.45
C GLN D 2 5.47 8.89 42.48
N LEU D 3 5.30 9.26 41.21
CA LEU D 3 6.31 9.06 40.19
C LEU D 3 6.62 10.39 39.53
N VAL D 4 7.90 10.74 39.43
CA VAL D 4 8.32 12.01 38.89
C VAL D 4 9.36 11.77 37.80
N GLU D 5 9.20 12.45 36.67
CA GLU D 5 10.09 12.32 35.53
C GLU D 5 11.00 13.54 35.44
N SER D 6 12.17 13.32 34.84
CA SER D 6 13.12 14.41 34.60
C SER D 6 14.04 14.01 33.45
N GLY D 7 14.60 15.02 32.81
CA GLY D 7 15.51 14.81 31.70
C GLY D 7 14.98 15.22 30.35
N GLY D 8 13.71 15.61 30.26
CA GLY D 8 13.17 16.04 28.99
C GLY D 8 13.84 17.30 28.47
N GLY D 9 13.96 17.39 27.17
CA GLY D 9 14.61 18.53 26.56
C GLY D 9 14.66 18.41 25.06
N LEU D 10 15.55 19.20 24.46
CA LEU D 10 15.72 19.24 23.01
C LEU D 10 17.10 18.71 22.65
N VAL D 11 17.15 17.80 21.69
CA VAL D 11 18.39 17.20 21.22
C VAL D 11 18.39 17.21 19.70
N GLN D 12 19.53 17.54 19.10
CA GLN D 12 19.68 17.46 17.66
C GLN D 12 19.66 16.00 17.22
N PRO D 13 19.29 15.73 15.96
CA PRO D 13 19.25 14.35 15.49
C PRO D 13 20.61 13.67 15.61
N GLY D 14 20.57 12.38 15.96
CA GLY D 14 21.79 11.64 16.19
C GLY D 14 22.37 11.79 17.59
N GLY D 15 21.60 12.32 18.53
CA GLY D 15 22.07 12.55 19.88
C GLY D 15 21.94 11.32 20.76
N SER D 16 22.05 11.56 22.06
CA SER D 16 21.95 10.50 23.06
C SER D 16 21.58 11.15 24.39
N LEU D 17 20.45 10.74 24.97
CA LEU D 17 19.95 11.43 26.15
C LEU D 17 19.43 10.43 27.18
N ARG D 18 19.54 10.82 28.45
CA ARG D 18 19.12 9.98 29.56
C ARG D 18 17.93 10.63 30.28
N LEU D 19 16.86 9.87 30.43
CA LEU D 19 15.70 10.31 31.21
C LEU D 19 15.56 9.45 32.47
N SER D 20 15.30 10.12 33.58
CA SER D 20 15.21 9.48 34.88
C SER D 20 13.80 9.60 35.44
N CYS D 21 13.40 8.58 36.18
CA CYS D 21 12.10 8.55 36.84
C CYS D 21 12.31 8.09 38.28
N ALA D 22 11.88 8.91 39.22
CA ALA D 22 12.01 8.62 40.63
C ALA D 22 10.64 8.27 41.22
N ALA D 23 10.64 7.34 42.16
CA ALA D 23 9.41 6.80 42.72
C ALA D 23 9.42 6.88 44.23
N SER D 24 8.23 7.00 44.81
CA SER D 24 8.07 7.03 46.26
C SER D 24 6.69 6.51 46.60
N GLY D 25 6.55 6.05 47.84
CA GLY D 25 5.28 5.57 48.34
C GLY D 25 5.06 4.08 48.23
N PHE D 26 6.03 3.33 47.71
CA PHE D 26 5.90 1.88 47.58
C PHE D 26 7.28 1.27 47.50
N THR D 27 7.34 -0.05 47.70
CA THR D 27 8.61 -0.76 47.57
C THR D 27 8.96 -0.90 46.09
N PHE D 28 10.16 -0.45 45.73
CA PHE D 28 10.54 -0.35 44.32
C PHE D 28 10.91 -1.70 43.72
N SER D 29 11.49 -2.59 44.51
CA SER D 29 12.05 -3.83 43.99
C SER D 29 11.02 -4.94 43.83
N SER D 30 9.77 -4.71 44.24
CA SER D 30 8.72 -5.73 44.15
C SER D 30 7.74 -5.44 43.03
N TYR D 31 8.11 -4.60 42.06
CA TYR D 31 7.20 -4.21 41.00
C TYR D 31 7.98 -4.04 39.70
N ASP D 32 7.28 -4.17 38.58
CA ASP D 32 7.87 -4.03 37.27
C ASP D 32 7.62 -2.62 36.73
N MET D 33 8.56 -2.13 35.92
CA MET D 33 8.50 -0.77 35.41
C MET D 33 8.37 -0.78 33.89
N HIS D 34 7.68 0.22 33.36
CA HIS D 34 7.47 0.34 31.93
C HIS D 34 7.64 1.79 31.51
N TRP D 35 8.02 1.97 30.24
CA TRP D 35 8.16 3.28 29.62
C TRP D 35 7.23 3.31 28.42
N VAL D 36 6.31 4.28 28.41
CA VAL D 36 5.29 4.41 27.37
C VAL D 36 5.33 5.82 26.81
N ARG D 37 5.24 5.95 25.49
CA ARG D 37 5.31 7.25 24.83
C ARG D 37 4.00 7.55 24.12
N GLN D 38 3.68 8.84 24.04
CA GLN D 38 2.46 9.32 23.40
C GLN D 38 2.80 10.40 22.39
N THR D 39 2.32 10.23 21.16
CA THR D 39 2.44 11.24 20.12
C THR D 39 1.07 11.86 19.86
N THR D 40 1.07 12.91 19.05
CA THR D 40 -0.15 13.64 18.75
C THR D 40 -0.92 13.07 17.57
N GLY D 41 -0.37 12.08 16.86
CA GLY D 41 -1.04 11.53 15.71
C GLY D 41 -1.13 10.02 15.68
N LYS D 42 -0.41 9.36 16.57
CA LYS D 42 -0.40 7.90 16.62
C LYS D 42 -0.88 7.32 17.93
N GLY D 43 -1.27 8.16 18.90
CA GLY D 43 -1.78 7.65 20.15
C GLY D 43 -0.67 7.12 21.06
N LEU D 44 -1.05 6.22 21.95
CA LEU D 44 -0.14 5.63 22.91
C LEU D 44 0.63 4.47 22.29
N GLU D 45 1.89 4.32 22.69
CA GLU D 45 2.73 3.23 22.21
C GLU D 45 3.73 2.84 23.28
N TRP D 46 3.91 1.54 23.45
CA TRP D 46 4.81 1.00 24.48
C TRP D 46 6.22 0.91 23.94
N VAL D 47 7.19 1.41 24.68
CA VAL D 47 8.57 1.46 24.21
C VAL D 47 9.56 0.71 25.09
N SER D 48 9.29 0.49 26.37
CA SER D 48 10.27 -0.26 27.15
C SER D 48 9.61 -0.91 28.36
N THR D 49 10.28 -1.94 28.88
CA THR D 49 9.78 -2.69 30.03
C THR D 49 10.94 -3.38 30.73
N ILE D 50 10.96 -3.29 32.05
CA ILE D 50 11.97 -3.95 32.88
C ILE D 50 11.28 -4.63 34.05
N GLY D 51 11.79 -5.80 34.43
CA GLY D 51 11.20 -6.57 35.50
C GLY D 51 12.08 -6.74 36.72
N THR D 52 11.64 -7.56 37.66
CA THR D 52 12.38 -7.73 38.91
C THR D 52 13.69 -8.46 38.71
N ALA D 53 13.72 -9.45 37.81
CA ALA D 53 14.88 -10.33 37.66
C ALA D 53 15.90 -9.82 36.65
N GLY D 54 15.96 -8.52 36.44
CA GLY D 54 16.94 -7.96 35.52
C GLY D 54 16.77 -8.37 34.08
N ASP D 55 15.53 -8.39 33.59
CA ASP D 55 15.23 -8.74 32.21
C ASP D 55 14.66 -7.51 31.50
N THR D 56 15.20 -7.21 30.32
CA THR D 56 14.83 -6.03 29.56
C THR D 56 14.24 -6.43 28.22
N TYR D 57 13.09 -5.85 27.89
CA TYR D 57 12.31 -6.22 26.72
C TYR D 57 12.02 -4.98 25.89
N TYR D 58 12.15 -5.11 24.57
CA TYR D 58 12.00 -3.97 23.68
C TYR D 58 11.19 -4.38 22.46
N PRO D 59 10.49 -3.42 21.83
CA PRO D 59 9.81 -3.71 20.56
C PRO D 59 10.78 -3.59 19.38
N ASP D 60 10.23 -3.71 18.18
CA ASP D 60 11.06 -3.75 16.98
C ASP D 60 11.70 -2.40 16.69
N SER D 61 10.91 -1.33 16.74
CA SER D 61 11.40 0.01 16.41
C SER D 61 12.28 0.60 17.50
N VAL D 62 12.63 -0.18 18.51
CA VAL D 62 13.44 0.30 19.63
C VAL D 62 14.66 -0.57 19.89
N LYS D 63 14.71 -1.80 19.39
CA LYS D 63 15.80 -2.72 19.69
C LYS D 63 17.15 -2.11 19.30
N GLY D 64 18.11 -2.21 20.22
CA GLY D 64 19.45 -1.71 19.96
C GLY D 64 19.63 -0.23 20.24
N ARG D 65 18.65 0.58 19.82
CA ARG D 65 18.78 2.03 19.97
C ARG D 65 18.69 2.46 21.43
N PHE D 66 17.69 1.94 22.15
CA PHE D 66 17.41 2.40 23.50
C PHE D 66 17.86 1.36 24.52
N THR D 67 18.12 1.82 25.73
CA THR D 67 18.46 0.94 26.84
C THR D 67 17.70 1.36 28.08
N ILE D 68 17.46 0.40 28.97
CA ILE D 68 16.75 0.61 30.23
C ILE D 68 17.58 0.04 31.36
N SER D 69 17.55 0.72 32.51
CA SER D 69 18.24 0.22 33.70
C SER D 69 17.51 0.75 34.93
N ARG D 70 17.71 0.07 36.06
CA ARG D 70 17.08 0.49 37.31
C ARG D 70 18.07 0.36 38.46
N GLU D 71 18.03 1.34 39.35
CA GLU D 71 18.81 1.32 40.59
C GLU D 71 17.83 1.30 41.75
N ASP D 72 17.78 0.18 42.47
CA ASP D 72 16.84 0.03 43.56
C ASP D 72 17.25 0.86 44.78
N ALA D 73 18.56 1.08 44.96
CA ALA D 73 19.03 1.81 46.14
C ALA D 73 18.50 3.24 46.15
N LYS D 74 18.53 3.91 45.00
CA LYS D 74 18.05 5.28 44.90
C LYS D 74 16.61 5.36 44.40
N ASN D 75 15.97 4.22 44.15
CA ASN D 75 14.63 4.17 43.57
C ASN D 75 14.57 4.97 42.28
N SER D 76 15.42 4.59 41.33
CA SER D 76 15.58 5.34 40.09
C SER D 76 15.44 4.41 38.89
N LEU D 77 14.80 4.91 37.85
CA LEU D 77 14.66 4.23 36.58
C LEU D 77 15.28 5.11 35.50
N TYR D 78 16.24 4.57 34.76
CA TYR D 78 16.98 5.30 33.74
C TYR D 78 16.67 4.71 32.38
N LEU D 79 16.40 5.56 31.39
CA LEU D 79 16.27 5.10 30.02
C LEU D 79 17.12 5.99 29.12
N GLN D 80 17.97 5.36 28.32
CA GLN D 80 18.98 6.04 27.51
C GLN D 80 18.66 5.87 26.03
N MET D 81 18.64 6.98 25.30
CA MET D 81 18.43 6.96 23.86
C MET D 81 19.76 7.23 23.17
N ASN D 82 20.05 6.46 22.12
CA ASN D 82 21.13 6.73 21.20
C ASN D 82 20.59 6.67 19.78
N SER D 83 21.23 7.43 18.88
CA SER D 83 20.86 7.45 17.46
C SER D 83 19.42 7.89 17.27
N LEU D 84 19.02 8.97 17.93
CA LEU D 84 17.65 9.46 17.85
C LEU D 84 17.32 9.90 16.43
N ARG D 85 16.08 9.65 16.02
CA ARG D 85 15.54 10.14 14.77
C ARG D 85 14.47 11.19 15.04
N ALA D 86 14.14 11.95 14.00
CA ALA D 86 13.19 13.05 14.14
C ALA D 86 11.78 12.58 14.44
N GLY D 87 11.48 11.31 14.21
CA GLY D 87 10.16 10.76 14.46
C GLY D 87 9.91 10.30 15.87
N ASP D 88 10.84 10.51 16.78
CA ASP D 88 10.73 10.04 18.16
C ASP D 88 10.23 11.12 19.12
N THR D 89 9.84 12.28 18.62
CA THR D 89 9.33 13.33 19.48
C THR D 89 7.97 12.94 20.05
N ALA D 90 7.84 13.04 21.37
CA ALA D 90 6.63 12.56 22.05
C ALA D 90 6.72 12.95 23.52
N VAL D 91 5.64 12.64 24.25
CA VAL D 91 5.61 12.79 25.71
C VAL D 91 5.77 11.42 26.34
N TYR D 92 6.70 11.30 27.27
CA TYR D 92 7.11 10.02 27.81
C TYR D 92 6.66 9.88 29.26
N TYR D 93 6.13 8.70 29.59
CA TYR D 93 5.63 8.39 30.92
C TYR D 93 6.30 7.13 31.44
N CYS D 94 6.67 7.15 32.72
CA CYS D 94 7.12 5.97 33.43
C CYS D 94 5.97 5.42 34.25
N ALA D 95 5.65 4.14 34.06
CA ALA D 95 4.49 3.52 34.67
C ALA D 95 4.91 2.28 35.45
N ARG D 96 4.08 1.92 36.42
CA ARG D 96 4.28 0.75 37.25
C ARG D 96 3.28 -0.33 36.86
N GLY D 97 3.75 -1.55 36.69
CA GLY D 97 2.90 -2.65 36.30
C GLY D 97 2.44 -3.47 37.49
N ASP D 98 1.33 -4.18 37.29
CA ASP D 98 0.79 -5.06 38.31
C ASP D 98 -0.07 -6.11 37.61
N SER D 99 -0.38 -7.17 38.34
CA SER D 99 -1.17 -8.27 37.79
C SER D 99 -2.20 -8.74 38.80
N SER D 100 -3.42 -8.93 38.32
CA SER D 100 -4.48 -9.56 39.09
C SER D 100 -4.77 -10.93 38.45
N GLY D 101 -4.51 -11.99 39.20
CA GLY D 101 -4.58 -13.31 38.63
C GLY D 101 -3.56 -13.49 37.53
N TYR D 102 -4.03 -13.54 36.29
CA TYR D 102 -3.15 -13.58 35.13
C TYR D 102 -3.16 -12.29 34.31
N TYR D 103 -4.04 -11.34 34.64
CA TYR D 103 -4.25 -10.16 33.82
C TYR D 103 -3.30 -9.04 34.26
N TYR D 104 -2.58 -8.48 33.29
CA TYR D 104 -1.59 -7.43 33.53
C TYR D 104 -2.19 -6.06 33.25
N TYR D 105 -1.73 -5.06 33.99
CA TYR D 105 -2.23 -3.70 33.83
C TYR D 105 -1.27 -2.71 34.49
N PHE D 106 -1.21 -1.52 33.91
CA PHE D 106 -0.44 -0.42 34.48
C PHE D 106 -1.36 0.38 35.40
N ASP D 107 -1.05 0.38 36.69
CA ASP D 107 -1.96 0.96 37.67
C ASP D 107 -1.61 2.38 38.09
N TYR D 108 -0.37 2.82 37.87
CA TYR D 108 0.03 4.17 38.22
C TYR D 108 0.95 4.73 37.15
N TRP D 109 0.74 6.00 36.81
CA TRP D 109 1.47 6.67 35.75
C TRP D 109 2.16 7.92 36.29
N GLY D 110 3.20 8.34 35.58
CA GLY D 110 3.93 9.55 35.93
C GLY D 110 3.46 10.75 35.12
N GLN D 111 4.01 11.91 35.48
CA GLN D 111 3.60 13.16 34.84
C GLN D 111 3.95 13.18 33.37
N GLY D 112 5.15 12.71 33.02
CA GLY D 112 5.56 12.68 31.63
C GLY D 112 6.39 13.89 31.23
N THR D 113 7.40 13.66 30.39
CA THR D 113 8.27 14.73 29.92
C THR D 113 8.26 14.77 28.41
N LEU D 114 8.38 15.99 27.87
CA LEU D 114 8.32 16.19 26.42
C LEU D 114 9.72 16.07 25.82
N LEU D 115 9.80 15.40 24.67
CA LEU D 115 11.05 15.25 23.94
C LEU D 115 10.81 15.62 22.49
N THR D 116 11.51 16.66 22.02
CA THR D 116 11.45 17.10 20.64
C THR D 116 12.85 17.06 20.06
N VAL D 117 12.98 16.52 18.86
CA VAL D 117 14.26 16.40 18.18
C VAL D 117 14.12 16.93 16.76
N SER D 118 15.01 17.85 16.39
CA SER D 118 15.02 18.47 15.06
C SER D 118 16.27 19.34 14.97
N SER D 119 16.54 19.80 13.76
CA SER D 119 17.62 20.78 13.54
C SER D 119 17.14 22.12 14.10
N ALA D 120 17.57 22.43 15.31
CA ALA D 120 16.98 23.52 16.08
C ALA D 120 17.80 24.79 15.91
N SER D 121 17.10 25.93 15.85
CA SER D 121 17.72 27.25 15.81
C SER D 121 16.80 28.21 16.55
N THR D 122 17.23 28.70 17.71
CA THR D 122 16.42 29.63 18.47
C THR D 122 16.23 30.91 17.67
N LYS D 123 15.02 31.12 17.16
CA LYS D 123 14.76 32.17 16.19
C LYS D 123 13.54 32.97 16.62
N GLY D 124 13.55 34.26 16.29
CA GLY D 124 12.52 35.17 16.75
C GLY D 124 11.29 35.19 15.87
N PRO D 125 10.12 35.31 16.51
CA PRO D 125 8.86 35.24 15.76
C PRO D 125 8.64 36.47 14.90
N SER D 126 7.83 36.29 13.86
CA SER D 126 7.40 37.37 12.98
C SER D 126 5.91 37.60 13.16
N VAL D 127 5.53 38.84 13.44
CA VAL D 127 4.15 39.20 13.74
C VAL D 127 3.58 40.03 12.59
N PHE D 128 2.38 39.69 12.16
CA PHE D 128 1.70 40.38 11.07
C PHE D 128 0.30 40.77 11.53
N PRO D 129 -0.14 42.00 11.28
CA PRO D 129 -1.48 42.41 11.71
C PRO D 129 -2.57 42.07 10.71
N LEU D 130 -3.52 41.23 11.11
CA LEU D 130 -4.70 40.91 10.30
C LEU D 130 -5.79 41.91 10.67
N ALA D 131 -5.96 42.94 9.83
CA ALA D 131 -6.86 44.08 10.02
C ALA D 131 -8.28 43.73 9.60
N PRO D 132 -9.27 44.38 10.19
CA PRO D 132 -10.67 44.14 9.81
C PRO D 132 -11.07 44.99 8.62
N SER D 133 -12.26 44.70 8.11
CA SER D 133 -12.83 45.43 6.98
C SER D 133 -14.33 45.22 6.98
N SER D 134 -15.02 45.82 6.00
CA SER D 134 -16.45 45.62 5.87
C SER D 134 -16.80 44.16 5.62
N LYS D 135 -15.95 43.46 4.86
CA LYS D 135 -16.12 42.01 4.69
C LYS D 135 -15.90 41.27 6.00
N SER D 136 -15.03 41.80 6.86
CA SER D 136 -14.75 41.21 8.16
C SER D 136 -15.66 41.76 9.26
N THR D 137 -16.62 42.60 8.91
CA THR D 137 -17.57 43.16 9.86
C THR D 137 -18.94 42.54 9.62
N SER D 138 -19.54 42.02 10.70
CA SER D 138 -20.85 41.37 10.61
C SER D 138 -21.63 41.66 11.87
N GLY D 139 -22.83 42.21 11.70
CA GLY D 139 -23.68 42.51 12.84
C GLY D 139 -23.10 43.55 13.79
N GLY D 140 -22.47 44.59 13.25
CA GLY D 140 -21.88 45.61 14.09
C GLY D 140 -20.65 45.19 14.85
N THR D 141 -19.95 44.15 14.38
CA THR D 141 -18.77 43.65 15.05
C THR D 141 -17.75 43.22 14.01
N ALA D 142 -16.48 43.57 14.25
CA ALA D 142 -15.39 43.26 13.33
C ALA D 142 -14.29 42.49 14.05
N ALA D 143 -13.67 41.57 13.34
CA ALA D 143 -12.65 40.70 13.90
C ALA D 143 -11.27 41.16 13.43
N LEU D 144 -10.35 41.33 14.38
CA LEU D 144 -8.99 41.74 14.08
C LEU D 144 -8.02 40.92 14.93
N GLY D 145 -6.81 40.71 14.41
CA GLY D 145 -5.90 39.83 15.11
C GLY D 145 -4.45 40.03 14.74
N CYS D 146 -3.60 39.23 15.39
CA CYS D 146 -2.17 39.21 15.15
C CYS D 146 -1.73 37.80 14.87
N LEU D 147 -0.95 37.62 13.80
CA LEU D 147 -0.44 36.31 13.39
C LEU D 147 1.04 36.23 13.73
N VAL D 148 1.46 35.11 14.33
CA VAL D 148 2.84 34.85 14.68
C VAL D 148 3.32 33.68 13.84
N LYS D 149 4.49 33.84 13.21
CA LYS D 149 5.00 32.83 12.30
C LYS D 149 6.50 32.68 12.48
N ASP D 150 7.00 31.47 12.20
CA ASP D 150 8.43 31.17 12.14
C ASP D 150 9.11 31.45 13.48
N TYR D 151 8.74 30.65 14.48
CA TYR D 151 9.40 30.68 15.77
C TYR D 151 9.73 29.26 16.21
N PHE D 152 10.77 29.14 17.03
CA PHE D 152 11.24 27.86 17.55
C PHE D 152 12.19 28.10 18.71
N PRO D 153 12.00 27.41 19.85
CA PRO D 153 10.92 26.48 20.13
C PRO D 153 9.73 27.13 20.86
N GLU D 154 8.85 26.30 21.43
CA GLU D 154 7.72 26.81 22.17
C GLU D 154 8.18 27.45 23.48
N PRO D 155 7.39 28.37 24.05
CA PRO D 155 6.15 28.94 23.54
C PRO D 155 6.27 30.40 23.13
N VAL D 156 5.18 30.99 22.64
CA VAL D 156 5.11 32.40 22.31
C VAL D 156 3.82 32.92 22.93
N THR D 157 3.93 33.60 24.07
CA THR D 157 2.76 34.12 24.75
C THR D 157 2.27 35.39 24.08
N VAL D 158 0.95 35.51 23.94
CA VAL D 158 0.32 36.66 23.32
C VAL D 158 -0.74 37.21 24.25
N SER D 159 -0.74 38.53 24.43
CA SER D 159 -1.75 39.20 25.23
C SER D 159 -2.18 40.48 24.51
N TRP D 160 -3.41 40.90 24.78
CA TRP D 160 -3.99 42.06 24.11
C TRP D 160 -4.15 43.20 25.10
N ASN D 161 -3.70 44.39 24.71
CA ASN D 161 -3.76 45.58 25.55
C ASN D 161 -3.10 45.34 26.90
N SER D 162 -1.95 44.65 26.87
CA SER D 162 -1.15 44.39 28.06
C SER D 162 -1.96 43.66 29.13
N GLY D 163 -2.83 42.76 28.70
CA GLY D 163 -3.64 41.99 29.63
C GLY D 163 -4.86 42.69 30.15
N ALA D 164 -5.18 43.88 29.64
CA ALA D 164 -6.35 44.62 30.09
C ALA D 164 -7.63 44.24 29.37
N LEU D 165 -7.55 43.34 28.39
CA LEU D 165 -8.73 42.92 27.62
C LEU D 165 -8.71 41.42 27.45
N THR D 166 -9.83 40.78 27.80
CA THR D 166 -10.02 39.35 27.59
C THR D 166 -11.34 39.00 26.92
N SER D 167 -12.13 40.00 26.55
CA SER D 167 -13.47 39.77 25.98
C SER D 167 -13.32 39.23 24.56
N GLY D 168 -13.49 37.92 24.41
CA GLY D 168 -13.46 37.30 23.10
C GLY D 168 -12.09 37.06 22.52
N VAL D 169 -11.03 37.29 23.30
CA VAL D 169 -9.68 37.06 22.81
C VAL D 169 -9.48 35.55 22.64
N HIS D 170 -9.39 35.10 21.41
CA HIS D 170 -9.24 33.68 21.09
C HIS D 170 -7.82 33.41 20.60
N THR D 171 -7.19 32.40 21.17
CA THR D 171 -5.88 31.93 20.74
C THR D 171 -6.00 30.50 20.23
N PHE D 172 -5.07 30.12 19.36
CA PHE D 172 -5.10 28.80 18.76
C PHE D 172 -3.79 28.08 19.04
N PRO D 173 -3.81 26.75 19.13
CA PRO D 173 -2.57 26.00 19.31
C PRO D 173 -1.66 26.11 18.11
N ALA D 174 -0.36 26.03 18.36
CA ALA D 174 0.63 26.13 17.31
C ALA D 174 0.62 24.89 16.43
N VAL D 175 1.11 25.05 15.21
CA VAL D 175 1.17 23.97 14.23
C VAL D 175 2.59 23.90 13.67
N LEU D 176 3.06 22.67 13.46
CA LEU D 176 4.38 22.45 12.89
C LEU D 176 4.32 22.56 11.36
N GLN D 177 5.21 23.35 10.79
CA GLN D 177 5.31 23.51 9.35
C GLN D 177 6.36 22.57 8.78
N SER D 178 6.35 22.43 7.45
CA SER D 178 7.32 21.58 6.77
C SER D 178 8.74 22.13 6.86
N SER D 179 8.91 23.38 7.27
CA SER D 179 10.22 23.99 7.41
C SER D 179 10.79 23.86 8.80
N GLY D 180 10.11 23.13 9.69
CA GLY D 180 10.58 23.00 11.06
C GLY D 180 10.28 24.20 11.93
N LEU D 181 9.34 25.06 11.53
CA LEU D 181 8.97 26.23 12.29
C LEU D 181 7.49 26.16 12.62
N TYR D 182 7.08 26.96 13.60
CA TYR D 182 5.71 26.95 14.11
C TYR D 182 4.96 28.20 13.64
N SER D 183 3.68 28.25 13.99
CA SER D 183 2.84 29.39 13.64
C SER D 183 1.57 29.32 14.47
N LEU D 184 1.05 30.50 14.82
CA LEU D 184 -0.22 30.60 15.54
C LEU D 184 -0.83 31.96 15.24
N SER D 185 -2.00 32.20 15.83
CA SER D 185 -2.67 33.48 15.63
C SER D 185 -3.54 33.77 16.85
N SER D 186 -3.86 35.05 17.03
CA SER D 186 -4.78 35.49 18.05
C SER D 186 -5.77 36.45 17.42
N VAL D 187 -7.05 36.29 17.77
CA VAL D 187 -8.13 37.07 17.16
C VAL D 187 -8.99 37.64 18.27
N VAL D 188 -9.64 38.78 17.99
CA VAL D 188 -10.56 39.39 18.93
C VAL D 188 -11.61 40.16 18.14
N THR D 189 -12.83 40.17 18.68
CA THR D 189 -13.96 40.87 18.07
C THR D 189 -14.19 42.19 18.80
N VAL D 190 -14.43 43.24 18.03
CA VAL D 190 -14.59 44.59 18.57
C VAL D 190 -15.85 45.21 17.98
N PRO D 191 -16.46 46.16 18.69
CA PRO D 191 -17.63 46.84 18.15
C PRO D 191 -17.30 47.59 16.87
N SER D 192 -18.31 47.70 16.00
CA SER D 192 -18.12 48.40 14.73
C SER D 192 -17.76 49.87 14.96
N SER D 193 -18.41 50.52 15.93
CA SER D 193 -18.11 51.91 16.23
C SER D 193 -16.72 52.09 16.82
N SER D 194 -16.13 51.03 17.38
CA SER D 194 -14.80 51.11 17.97
C SER D 194 -13.69 50.97 16.94
N LEU D 195 -14.02 50.73 15.68
CA LEU D 195 -13.00 50.58 14.64
C LEU D 195 -12.30 51.91 14.41
N GLY D 196 -10.99 51.95 14.67
CA GLY D 196 -10.22 53.15 14.51
C GLY D 196 -10.27 54.12 15.67
N THR D 197 -11.03 53.81 16.72
CA THR D 197 -11.14 54.67 17.89
C THR D 197 -10.38 54.13 19.09
N GLN D 198 -10.67 52.89 19.49
CA GLN D 198 -9.99 52.29 20.63
C GLN D 198 -8.59 51.83 20.23
N THR D 199 -7.65 51.98 21.17
CA THR D 199 -6.26 51.61 20.91
C THR D 199 -6.07 50.12 21.19
N TYR D 200 -5.60 49.39 20.18
CA TYR D 200 -5.40 47.95 20.29
C TYR D 200 -3.95 47.62 19.94
N ILE D 201 -3.23 47.06 20.90
CA ILE D 201 -1.84 46.62 20.71
C ILE D 201 -1.73 45.22 21.28
N CYS D 202 -1.30 44.26 20.47
CA CYS D 202 -1.10 42.89 20.92
C CYS D 202 0.34 42.73 21.38
N ASN D 203 0.53 42.36 22.64
CA ASN D 203 1.85 42.28 23.27
C ASN D 203 2.34 40.84 23.16
N VAL D 204 3.06 40.56 22.08
CA VAL D 204 3.59 39.23 21.83
C VAL D 204 4.95 39.11 22.49
N ASN D 205 5.15 38.03 23.25
CA ASN D 205 6.39 37.81 23.99
C ASN D 205 6.99 36.47 23.60
N HIS D 206 8.28 36.32 23.87
CA HIS D 206 9.00 35.09 23.55
C HIS D 206 10.09 34.89 24.59
N LYS D 207 10.04 33.74 25.28
CA LYS D 207 10.93 33.48 26.41
C LYS D 207 12.35 33.13 25.97
N PRO D 208 12.58 32.08 25.17
CA PRO D 208 13.96 31.64 24.94
C PRO D 208 14.82 32.65 24.20
N SER D 209 14.26 33.42 23.28
CA SER D 209 15.01 34.45 22.56
C SER D 209 14.82 35.84 23.15
N ASN D 210 14.04 35.97 24.22
CA ASN D 210 13.85 37.24 24.93
C ASN D 210 13.43 38.35 23.98
N THR D 211 12.45 38.05 23.14
CA THR D 211 11.94 38.99 22.15
C THR D 211 10.54 39.43 22.55
N LYS D 212 10.36 40.73 22.74
CA LYS D 212 9.06 41.33 23.05
C LYS D 212 8.69 42.26 21.91
N VAL D 213 7.52 42.03 21.30
CA VAL D 213 7.04 42.83 20.18
C VAL D 213 5.71 43.44 20.57
N ASP D 214 5.59 44.75 20.40
CA ASP D 214 4.36 45.49 20.69
C ASP D 214 3.91 46.17 19.41
N LYS D 215 3.11 45.47 18.61
CA LYS D 215 2.63 45.99 17.34
C LYS D 215 1.19 46.48 17.48
N ARG D 216 0.92 47.62 16.85
CA ARG D 216 -0.42 48.20 16.81
C ARG D 216 -1.16 47.64 15.59
N VAL D 217 -2.43 47.30 15.78
CA VAL D 217 -3.29 46.83 14.71
C VAL D 217 -4.41 47.84 14.52
N GLU D 218 -4.61 48.27 13.28
CA GLU D 218 -5.60 49.29 12.96
C GLU D 218 -6.44 48.84 11.77
N PRO D 219 -7.70 49.26 11.72
CA PRO D 219 -8.57 48.86 10.61
C PRO D 219 -8.27 49.64 9.34
N LYS D 220 -8.85 49.15 8.24
CA LYS D 220 -8.76 49.80 6.94
C LYS D 220 -10.13 50.36 6.59
N SER D 221 -10.14 51.58 6.03
CA SER D 221 -11.40 52.23 5.69
C SER D 221 -12.16 51.46 4.62
N CYS D 222 -11.45 50.72 3.77
CA CYS D 222 -12.09 49.92 2.73
C CYS D 222 -12.87 48.75 3.33
N ASP E 1 1.22 -7.84 14.87
CA ASP E 1 0.66 -6.90 15.83
C ASP E 1 -0.86 -6.88 15.74
N ILE E 2 -1.52 -6.94 16.88
CA ILE E 2 -2.98 -6.93 16.93
C ILE E 2 -3.48 -5.52 16.75
N GLU E 3 -4.39 -5.33 15.78
CA GLU E 3 -4.95 -4.02 15.49
C GLU E 3 -6.21 -3.81 16.30
N MET E 4 -6.29 -2.67 16.98
CA MET E 4 -7.41 -2.35 17.87
C MET E 4 -8.12 -1.12 17.31
N THR E 5 -9.46 -1.16 17.32
CA THR E 5 -10.26 -0.07 16.78
C THR E 5 -11.32 0.33 17.79
N GLN E 6 -11.82 1.55 17.65
CA GLN E 6 -12.87 2.07 18.53
C GLN E 6 -13.89 2.86 17.72
N SER E 7 -15.07 3.03 18.33
CA SER E 7 -16.17 3.75 17.71
C SER E 7 -17.11 4.26 18.78
N PRO E 8 -17.72 5.45 18.61
CA PRO E 8 -17.46 6.41 17.55
C PRO E 8 -16.26 7.31 17.87
N SER E 9 -15.70 7.97 16.86
CA SER E 9 -14.51 8.78 17.09
C SER E 9 -14.79 9.94 18.05
N SER E 10 -15.92 10.62 17.88
CA SER E 10 -16.29 11.73 18.73
C SER E 10 -17.75 11.58 19.15
N LEU E 11 -18.00 11.81 20.44
CA LEU E 11 -19.34 11.69 20.99
C LEU E 11 -19.62 12.87 21.90
N SER E 12 -20.85 13.39 21.82
CA SER E 12 -21.28 14.51 22.65
C SER E 12 -22.54 14.11 23.39
N ALA E 13 -22.51 14.21 24.71
CA ALA E 13 -23.63 13.83 25.55
C ALA E 13 -23.79 14.82 26.69
N ALA E 14 -25.03 15.01 27.12
CA ALA E 14 -25.34 15.93 28.21
C ALA E 14 -25.11 15.26 29.56
N VAL E 15 -25.14 16.06 30.61
CA VAL E 15 -24.94 15.55 31.96
C VAL E 15 -26.15 14.72 32.37
N GLY E 16 -25.89 13.50 32.85
CA GLY E 16 -26.93 12.61 33.31
C GLY E 16 -27.30 11.50 32.36
N ASP E 17 -26.85 11.56 31.11
CA ASP E 17 -27.19 10.52 30.15
C ASP E 17 -26.25 9.33 30.27
N ARG E 18 -26.64 8.24 29.61
CA ARG E 18 -25.84 7.02 29.56
C ARG E 18 -25.06 7.00 28.24
N VAL E 19 -23.78 6.63 28.33
CA VAL E 19 -22.88 6.69 27.19
C VAL E 19 -22.22 5.33 27.02
N THR E 20 -22.09 4.88 25.77
CA THR E 20 -21.40 3.63 25.46
C THR E 20 -20.41 3.85 24.33
N ILE E 21 -19.21 3.29 24.52
CA ILE E 21 -18.14 3.35 23.52
C ILE E 21 -17.67 1.93 23.24
N THR E 22 -17.50 1.59 21.96
CA THR E 22 -17.20 0.23 21.55
C THR E 22 -15.75 0.11 21.09
N CYS E 23 -15.10 -0.97 21.52
CA CYS E 23 -13.76 -1.31 21.08
C CYS E 23 -13.76 -2.72 20.48
N ARG E 24 -13.04 -2.88 19.38
CA ARG E 24 -13.01 -4.12 18.62
C ARG E 24 -11.57 -4.54 18.37
N ALA E 25 -11.33 -5.86 18.46
CA ALA E 25 -10.01 -6.43 18.27
C ALA E 25 -9.98 -7.28 17.01
N SER E 26 -8.79 -7.41 16.42
CA SER E 26 -8.61 -8.21 15.22
C SER E 26 -8.49 -9.70 15.50
N GLN E 27 -8.37 -10.09 16.76
CA GLN E 27 -8.27 -11.50 17.15
C GLN E 27 -9.05 -11.71 18.44
N SER E 28 -9.36 -12.97 18.71
CA SER E 28 -10.06 -13.33 19.95
C SER E 28 -9.10 -13.22 21.12
N ILE E 29 -9.24 -12.16 21.91
CA ILE E 29 -8.36 -11.89 23.03
C ILE E 29 -9.01 -12.27 24.37
N GLY E 30 -10.12 -13.00 24.33
CA GLY E 30 -10.77 -13.40 25.57
C GLY E 30 -11.22 -12.20 26.38
N SER E 31 -10.87 -12.21 27.67
CA SER E 31 -11.20 -11.12 28.58
C SER E 31 -10.00 -10.22 28.84
N TYR E 32 -8.98 -10.27 27.99
CA TYR E 32 -7.75 -9.52 28.19
C TYR E 32 -7.89 -8.13 27.57
N LEU E 33 -8.54 -7.23 28.30
CA LEU E 33 -8.71 -5.87 27.83
C LEU E 33 -8.85 -4.93 29.02
N ASN E 34 -8.29 -3.73 28.87
CA ASN E 34 -8.30 -2.70 29.89
C ASN E 34 -8.80 -1.40 29.28
N TRP E 35 -9.42 -0.57 30.12
CA TRP E 35 -9.98 0.71 29.72
C TRP E 35 -9.35 1.81 30.54
N TYR E 36 -8.81 2.83 29.85
CA TYR E 36 -8.08 3.94 30.44
C TYR E 36 -8.78 5.26 30.14
N GLN E 37 -8.64 6.21 31.06
CA GLN E 37 -9.20 7.55 30.91
C GLN E 37 -8.10 8.59 31.07
N GLN E 38 -8.13 9.62 30.21
CA GLN E 38 -7.15 10.69 30.26
C GLN E 38 -7.85 12.03 30.11
N LYS E 39 -7.55 12.96 31.01
CA LYS E 39 -7.98 14.34 30.92
C LYS E 39 -6.95 15.16 30.16
N PRO E 40 -7.34 16.31 29.61
CA PRO E 40 -6.39 17.11 28.83
C PRO E 40 -5.19 17.54 29.66
N GLY E 41 -4.01 17.33 29.11
CA GLY E 41 -2.78 17.71 29.78
C GLY E 41 -2.52 17.00 31.09
N LYS E 42 -2.94 15.75 31.21
CA LYS E 42 -2.81 15.00 32.45
C LYS E 42 -2.38 13.57 32.13
N ALA E 43 -1.82 12.91 33.14
CA ALA E 43 -1.41 11.52 32.97
C ALA E 43 -2.62 10.60 32.91
N PRO E 44 -2.57 9.55 32.11
CA PRO E 44 -3.70 8.62 32.04
C PRO E 44 -3.94 7.90 33.35
N LYS E 45 -5.20 7.52 33.58
CA LYS E 45 -5.61 6.78 34.76
C LYS E 45 -6.32 5.52 34.33
N LEU E 46 -6.17 4.45 35.11
CA LEU E 46 -6.77 3.16 34.80
C LEU E 46 -8.19 3.11 35.35
N LEU E 47 -9.13 2.77 34.47
CA LEU E 47 -10.54 2.63 34.86
C LEU E 47 -10.91 1.17 35.07
N ILE E 48 -10.74 0.34 34.04
CA ILE E 48 -11.24 -1.04 34.06
C ILE E 48 -10.12 -1.99 33.67
N TYR E 49 -10.03 -3.13 34.35
CA TYR E 49 -9.12 -4.19 33.98
C TYR E 49 -9.87 -5.51 33.91
N ALA E 50 -9.33 -6.44 33.11
CA ALA E 50 -9.92 -7.74 32.83
C ALA E 50 -11.26 -7.63 32.11
N ALA E 51 -11.54 -6.46 31.53
CA ALA E 51 -12.69 -6.20 30.66
C ALA E 51 -14.01 -6.16 31.42
N SER E 52 -14.01 -6.55 32.69
CA SER E 52 -15.20 -6.42 33.51
C SER E 52 -14.96 -5.95 34.93
N SER E 53 -13.72 -5.99 35.43
CA SER E 53 -13.43 -5.64 36.81
C SER E 53 -13.08 -4.16 36.92
N LEU E 54 -13.64 -3.51 37.93
CA LEU E 54 -13.48 -2.07 38.11
C LEU E 54 -12.40 -1.82 39.16
N GLN E 55 -11.44 -0.97 38.81
CA GLN E 55 -10.32 -0.68 39.68
C GLN E 55 -10.79 -0.03 40.97
N SER E 56 -10.21 -0.49 42.09
CA SER E 56 -10.55 0.09 43.39
C SER E 56 -10.21 1.58 43.40
N GLY E 57 -11.14 2.39 43.89
CA GLY E 57 -10.98 3.83 43.86
C GLY E 57 -11.56 4.51 42.65
N VAL E 58 -12.39 3.82 41.88
CA VAL E 58 -13.02 4.39 40.69
C VAL E 58 -14.53 4.43 40.95
N PRO E 59 -15.23 5.51 40.57
CA PRO E 59 -16.67 5.56 40.79
C PRO E 59 -17.40 4.40 40.11
N SER E 60 -18.44 3.92 40.77
CA SER E 60 -19.16 2.74 40.32
C SER E 60 -19.98 2.97 39.07
N ARG E 61 -20.15 4.22 38.63
CA ARG E 61 -20.97 4.49 37.45
C ARG E 61 -20.33 3.97 36.17
N PHE E 62 -19.01 3.74 36.16
CA PHE E 62 -18.35 3.11 35.03
C PHE E 62 -18.59 1.61 35.06
N SER E 63 -18.70 1.02 33.87
CA SER E 63 -18.79 -0.43 33.77
C SER E 63 -18.31 -0.87 32.39
N GLY E 64 -17.97 -2.14 32.30
CA GLY E 64 -17.47 -2.69 31.05
C GLY E 64 -18.07 -4.05 30.80
N SER E 65 -18.28 -4.36 29.52
CA SER E 65 -18.88 -5.61 29.13
C SER E 65 -18.29 -6.06 27.80
N GLY E 66 -18.57 -7.30 27.43
CA GLY E 66 -18.15 -7.85 26.17
C GLY E 66 -17.09 -8.92 26.35
N SER E 67 -16.73 -9.53 25.22
CA SER E 67 -15.77 -10.63 25.19
C SER E 67 -15.52 -11.01 23.74
N GLY E 68 -14.42 -11.70 23.51
CA GLY E 68 -14.09 -12.13 22.16
C GLY E 68 -13.43 -11.04 21.35
N THR E 69 -14.19 -10.42 20.45
CA THR E 69 -13.69 -9.34 19.62
C THR E 69 -14.52 -8.06 19.74
N ASP E 70 -15.48 -8.02 20.67
CA ASP E 70 -16.30 -6.83 20.88
C ASP E 70 -16.38 -6.53 22.37
N PHE E 71 -16.09 -5.29 22.74
CA PHE E 71 -16.17 -4.85 24.12
C PHE E 71 -16.80 -3.45 24.15
N THR E 72 -17.42 -3.12 25.27
CA THR E 72 -18.15 -1.86 25.39
C THR E 72 -17.95 -1.28 26.78
N LEU E 73 -17.66 0.02 26.83
CA LEU E 73 -17.56 0.80 28.05
C LEU E 73 -18.84 1.63 28.21
N THR E 74 -19.44 1.58 29.39
CA THR E 74 -20.70 2.28 29.65
C THR E 74 -20.57 3.16 30.88
N ILE E 75 -21.10 4.38 30.77
CA ILE E 75 -21.19 5.33 31.85
C ILE E 75 -22.67 5.59 32.10
N SER E 76 -23.14 5.32 33.32
CA SER E 76 -24.55 5.44 33.62
C SER E 76 -25.00 6.89 33.71
N SER E 77 -24.23 7.73 34.39
CA SER E 77 -24.61 9.12 34.63
C SER E 77 -23.39 10.01 34.37
N LEU E 78 -23.38 10.68 33.23
CA LEU E 78 -22.27 11.56 32.89
C LEU E 78 -22.22 12.74 33.85
N GLN E 79 -21.00 13.12 34.21
CA GLN E 79 -20.73 14.24 35.10
C GLN E 79 -19.60 15.05 34.49
N PRO E 80 -19.43 16.31 34.93
CA PRO E 80 -18.44 17.18 34.27
C PRO E 80 -17.02 16.61 34.28
N GLU E 81 -16.63 15.87 35.31
CA GLU E 81 -15.29 15.31 35.34
C GLU E 81 -15.12 14.15 34.35
N ASP E 82 -16.19 13.68 33.74
CA ASP E 82 -16.10 12.59 32.76
C ASP E 82 -15.74 13.08 31.36
N PHE E 83 -15.60 14.39 31.17
CA PHE E 83 -15.13 14.94 29.90
C PHE E 83 -13.67 14.55 29.72
N ALA E 84 -13.41 13.56 28.88
CA ALA E 84 -12.07 13.01 28.77
C ALA E 84 -11.97 12.17 27.50
N ILE E 85 -10.79 11.56 27.31
CA ILE E 85 -10.51 10.67 26.20
C ILE E 85 -10.31 9.27 26.77
N TYR E 86 -10.98 8.29 26.16
CA TYR E 86 -10.97 6.92 26.65
C TYR E 86 -10.25 6.02 25.65
N TYR E 87 -9.43 5.12 26.18
CA TYR E 87 -8.62 4.20 25.39
C TYR E 87 -8.89 2.77 25.80
N CYS E 88 -8.79 1.86 24.84
CA CYS E 88 -8.85 0.43 25.10
C CYS E 88 -7.51 -0.22 24.78
N GLN E 89 -7.04 -1.07 25.68
CA GLN E 89 -5.72 -1.69 25.62
C GLN E 89 -5.86 -3.19 25.72
N GLN E 90 -5.06 -3.92 24.94
CA GLN E 90 -5.10 -5.38 24.94
C GLN E 90 -3.90 -5.92 25.72
N SER E 91 -4.16 -6.95 26.54
CA SER E 91 -3.13 -7.55 27.36
C SER E 91 -2.94 -9.03 27.05
N TYR E 92 -3.31 -9.47 25.85
CA TYR E 92 -3.15 -10.87 25.47
C TYR E 92 -1.74 -11.15 24.98
N VAL E 93 -1.31 -10.43 23.96
CA VAL E 93 0.01 -10.61 23.37
C VAL E 93 1.01 -9.77 24.16
N SER E 94 2.02 -10.43 24.71
CA SER E 94 3.08 -9.79 25.47
C SER E 94 4.42 -10.05 24.81
N PRO E 95 5.39 -9.12 24.96
CA PRO E 95 5.31 -7.86 25.70
C PRO E 95 4.83 -6.68 24.86
N THR E 96 4.44 -6.95 23.61
CA THR E 96 4.03 -5.88 22.70
C THR E 96 2.56 -5.57 22.95
N TYR E 97 2.31 -4.79 23.99
CA TYR E 97 0.96 -4.32 24.28
C TYR E 97 0.58 -3.23 23.30
N THR E 98 -0.69 -3.24 22.88
CA THR E 98 -1.18 -2.32 21.88
C THR E 98 -2.41 -1.58 22.40
N PHE E 99 -2.45 -0.28 22.16
CA PHE E 99 -3.55 0.58 22.57
C PHE E 99 -4.49 0.82 21.40
N GLY E 100 -5.45 1.72 21.60
CA GLY E 100 -6.39 2.09 20.58
C GLY E 100 -6.34 3.58 20.28
N PRO E 101 -7.00 3.99 19.19
CA PRO E 101 -6.97 5.41 18.83
C PRO E 101 -7.57 6.33 19.88
N GLY E 102 -8.57 5.88 20.62
CA GLY E 102 -9.19 6.68 21.64
C GLY E 102 -10.44 7.41 21.16
N THR E 103 -11.31 7.72 22.11
CA THR E 103 -12.56 8.43 21.82
C THR E 103 -12.71 9.59 22.80
N LYS E 104 -13.23 10.71 22.30
CA LYS E 104 -13.38 11.93 23.09
C LYS E 104 -14.84 12.12 23.45
N VAL E 105 -15.11 12.34 24.73
CA VAL E 105 -16.49 12.54 25.19
C VAL E 105 -16.68 14.01 25.48
N ASP E 106 -17.53 14.66 24.68
CA ASP E 106 -17.77 16.09 24.76
C ASP E 106 -19.09 16.37 25.50
N ILE E 107 -19.47 17.65 25.53
CA ILE E 107 -20.71 18.08 26.13
C ILE E 107 -21.57 18.72 25.05
N LYS E 108 -22.89 18.60 25.21
CA LYS E 108 -23.84 18.94 24.17
C LYS E 108 -24.55 20.24 24.50
N ARG E 109 -24.72 21.08 23.48
CA ARG E 109 -25.46 22.33 23.58
C ARG E 109 -26.35 22.47 22.35
N THR E 110 -27.10 23.57 22.31
CA THR E 110 -27.90 23.85 21.13
C THR E 110 -27.00 24.16 19.94
N VAL E 111 -27.50 23.85 18.74
CA VAL E 111 -26.71 24.02 17.54
C VAL E 111 -26.44 25.49 17.30
N ALA E 112 -25.18 25.84 17.09
CA ALA E 112 -24.76 27.22 16.93
C ALA E 112 -23.95 27.37 15.66
N ALA E 113 -23.98 28.56 15.04
CA ALA E 113 -23.38 28.71 13.67
C ALA E 113 -21.99 29.33 13.61
N PRO E 114 -21.10 28.85 12.70
CA PRO E 114 -19.75 29.41 12.53
C PRO E 114 -19.58 30.80 11.87
N SER E 115 -19.50 31.87 12.67
CA SER E 115 -19.22 33.21 12.18
C SER E 115 -17.93 33.16 11.37
N VAL E 116 -18.01 33.48 10.08
CA VAL E 116 -16.90 33.30 9.15
C VAL E 116 -16.28 34.66 8.83
N PHE E 117 -14.96 34.70 8.82
CA PHE E 117 -14.22 35.90 8.45
C PHE E 117 -13.00 35.50 7.64
N ILE E 118 -12.49 36.45 6.85
CA ILE E 118 -11.32 36.22 6.02
C ILE E 118 -10.34 37.36 6.24
N PHE E 119 -9.07 37.07 5.99
CA PHE E 119 -7.98 38.02 6.18
C PHE E 119 -6.94 37.85 5.08
N PRO E 120 -6.76 38.86 4.21
CA PRO E 120 -5.74 38.79 3.18
C PRO E 120 -4.37 39.11 3.74
N PRO E 121 -3.29 38.63 3.11
CA PRO E 121 -1.95 38.87 3.64
C PRO E 121 -1.63 40.35 3.71
N SER E 122 -0.88 40.70 4.75
CA SER E 122 -0.45 42.09 4.96
C SER E 122 0.69 42.44 4.00
N ASP E 123 0.79 43.73 3.69
CA ASP E 123 1.86 44.20 2.82
C ASP E 123 3.23 44.00 3.47
N GLU E 124 3.30 44.07 4.80
CA GLU E 124 4.57 43.83 5.49
C GLU E 124 5.05 42.40 5.25
N GLN E 125 4.15 41.43 5.34
CA GLN E 125 4.51 40.05 5.01
C GLN E 125 4.89 39.92 3.54
N LEU E 126 4.14 40.58 2.65
CA LEU E 126 4.46 40.53 1.23
C LEU E 126 5.84 41.07 0.95
N LYS E 127 6.30 42.03 1.75
CA LYS E 127 7.67 42.51 1.62
C LYS E 127 8.71 41.49 2.06
N SER E 128 8.30 40.46 2.80
CA SER E 128 9.21 39.43 3.28
C SER E 128 9.27 38.21 2.37
N GLY E 129 8.56 38.23 1.23
CA GLY E 129 8.59 37.13 0.30
C GLY E 129 7.64 35.99 0.60
N THR E 130 6.72 36.16 1.55
CA THR E 130 5.74 35.13 1.86
C THR E 130 4.38 35.80 2.04
N ALA E 131 3.32 35.05 1.75
CA ALA E 131 1.95 35.53 1.90
C ALA E 131 1.13 34.48 2.61
N SER E 132 0.30 34.91 3.56
CA SER E 132 -0.54 34.02 4.35
C SER E 132 -1.95 34.56 4.38
N VAL E 133 -2.89 33.76 3.86
CA VAL E 133 -4.31 34.09 3.89
C VAL E 133 -4.96 33.34 5.03
N VAL E 134 -5.77 34.03 5.83
CA VAL E 134 -6.32 33.47 7.06
C VAL E 134 -7.84 33.36 6.92
N CYS E 135 -8.37 32.19 7.29
CA CYS E 135 -9.81 31.97 7.37
C CYS E 135 -10.18 31.67 8.81
N LEU E 136 -11.14 32.40 9.35
CA LEU E 136 -11.54 32.28 10.75
C LEU E 136 -12.98 31.80 10.84
N LEU E 137 -13.21 30.79 11.67
CA LEU E 137 -14.55 30.30 12.01
C LEU E 137 -14.72 30.42 13.52
N ASN E 138 -15.77 31.09 13.96
CA ASN E 138 -15.96 31.39 15.36
C ASN E 138 -17.29 30.85 15.86
N ASN E 139 -17.24 30.25 17.06
CA ASN E 139 -18.42 29.87 17.84
C ASN E 139 -19.31 28.90 17.06
N PHE E 140 -18.77 27.71 16.81
CA PHE E 140 -19.49 26.67 16.10
C PHE E 140 -19.52 25.39 16.92
N TYR E 141 -20.61 24.63 16.76
CA TYR E 141 -20.81 23.35 17.41
C TYR E 141 -21.77 22.55 16.53
N PRO E 142 -21.48 21.26 16.27
CA PRO E 142 -20.36 20.48 16.77
C PRO E 142 -19.08 20.66 15.96
N ARG E 143 -18.05 19.90 16.33
CA ARG E 143 -16.72 20.08 15.76
C ARG E 143 -16.68 19.76 14.27
N GLU E 144 -17.54 18.86 13.80
CA GLU E 144 -17.47 18.38 12.42
C GLU E 144 -17.79 19.53 11.47
N ALA E 145 -16.77 20.01 10.77
CA ALA E 145 -16.93 21.09 9.81
C ALA E 145 -15.86 20.94 8.73
N LYS E 146 -16.11 21.55 7.58
CA LYS E 146 -15.23 21.46 6.43
C LYS E 146 -14.83 22.85 5.96
N VAL E 147 -13.54 23.05 5.74
CA VAL E 147 -13.00 24.30 5.23
C VAL E 147 -12.24 24.01 3.95
N GLN E 148 -12.57 24.75 2.89
CA GLN E 148 -11.98 24.54 1.57
C GLN E 148 -11.39 25.85 1.06
N TRP E 149 -10.23 25.77 0.43
CA TRP E 149 -9.52 26.92 -0.11
C TRP E 149 -9.58 26.89 -1.63
N LYS E 150 -9.92 28.04 -2.23
CA LYS E 150 -9.98 28.16 -3.69
C LYS E 150 -9.21 29.39 -4.13
N VAL E 151 -8.42 29.22 -5.17
CA VAL E 151 -7.67 30.32 -5.78
C VAL E 151 -8.15 30.46 -7.22
N ASP E 152 -8.74 31.62 -7.54
CA ASP E 152 -9.36 31.85 -8.85
C ASP E 152 -10.35 30.75 -9.19
N ASN E 153 -11.18 30.40 -8.21
CA ASN E 153 -12.21 29.36 -8.34
C ASN E 153 -11.61 28.01 -8.75
N ALA E 154 -10.43 27.69 -8.22
CA ALA E 154 -9.77 26.42 -8.47
C ALA E 154 -9.43 25.74 -7.15
N LEU E 155 -9.63 24.43 -7.10
CA LEU E 155 -9.36 23.68 -5.88
C LEU E 155 -7.87 23.70 -5.55
N GLN E 156 -7.56 23.84 -4.26
CA GLN E 156 -6.20 23.89 -3.78
C GLN E 156 -6.01 22.86 -2.67
N SER E 157 -4.81 22.30 -2.59
CA SER E 157 -4.49 21.31 -1.56
C SER E 157 -3.00 21.31 -1.32
N GLY E 158 -2.61 20.87 -0.13
CA GLY E 158 -1.22 20.75 0.24
C GLY E 158 -0.55 22.04 0.68
N ASN E 159 -1.29 23.15 0.76
CA ASN E 159 -0.72 24.44 1.14
C ASN E 159 -1.54 25.14 2.22
N SER E 160 -2.38 24.41 2.93
CA SER E 160 -3.21 24.98 3.99
C SER E 160 -3.11 24.12 5.24
N GLN E 161 -3.11 24.77 6.40
CA GLN E 161 -3.05 24.08 7.68
C GLN E 161 -4.13 24.62 8.61
N GLU E 162 -4.73 23.73 9.40
CA GLU E 162 -5.85 24.06 10.26
C GLU E 162 -5.46 23.92 11.73
N SER E 163 -5.94 24.85 12.55
CA SER E 163 -5.74 24.81 13.99
C SER E 163 -7.06 25.12 14.67
N VAL E 164 -7.47 24.25 15.60
CA VAL E 164 -8.73 24.38 16.29
C VAL E 164 -8.48 24.42 17.80
N THR E 165 -9.19 25.31 18.49
CA THR E 165 -9.04 25.42 19.92
C THR E 165 -9.95 24.42 20.63
N GLU E 166 -9.74 24.28 21.93
CA GLU E 166 -10.56 23.38 22.73
C GLU E 166 -11.89 24.03 23.07
N GLN E 167 -12.86 23.20 23.45
CA GLN E 167 -14.18 23.68 23.79
C GLN E 167 -14.13 24.60 25.00
N ASP E 168 -14.85 25.71 24.91
CA ASP E 168 -14.85 26.71 25.98
C ASP E 168 -15.76 26.27 27.12
N SER E 169 -15.58 26.92 28.27
CA SER E 169 -16.33 26.61 29.48
C SER E 169 -17.43 27.62 29.78
N LYS E 170 -17.63 28.61 28.92
CA LYS E 170 -18.68 29.60 29.10
C LYS E 170 -19.81 29.47 28.09
N ASP E 171 -19.47 29.39 26.80
CA ASP E 171 -20.45 29.17 25.75
C ASP E 171 -20.36 27.78 25.15
N SER E 172 -19.36 26.98 25.51
CA SER E 172 -19.19 25.62 25.01
C SER E 172 -19.12 25.60 23.49
N THR E 173 -18.42 26.58 22.92
CA THR E 173 -18.26 26.69 21.48
C THR E 173 -16.79 26.53 21.11
N TYR E 174 -16.55 26.20 19.85
CA TYR E 174 -15.20 26.01 19.34
C TYR E 174 -14.75 27.24 18.56
N SER E 175 -13.56 27.13 17.97
CA SER E 175 -13.04 28.14 17.05
C SER E 175 -11.99 27.48 16.18
N LEU E 176 -12.00 27.81 14.89
CA LEU E 176 -11.11 27.19 13.93
C LEU E 176 -10.43 28.26 13.09
N SER E 177 -9.19 27.97 12.70
CA SER E 177 -8.43 28.87 11.84
C SER E 177 -7.73 28.03 10.77
N SER E 178 -7.68 28.58 9.56
CA SER E 178 -7.00 27.95 8.44
C SER E 178 -6.04 28.94 7.83
N THR E 179 -4.79 28.52 7.66
CA THR E 179 -3.73 29.36 7.11
C THR E 179 -3.27 28.78 5.78
N LEU E 180 -3.30 29.61 4.73
CA LEU E 180 -2.82 29.25 3.40
C LEU E 180 -1.57 30.05 3.13
N THR E 181 -0.45 29.36 2.95
CA THR E 181 0.86 29.99 2.78
C THR E 181 1.36 29.80 1.35
N LEU E 182 1.73 30.91 0.71
CA LEU E 182 2.23 30.88 -0.65
C LEU E 182 3.32 31.94 -0.81
N SER E 183 3.88 32.01 -2.01
CA SER E 183 4.90 33.01 -2.32
C SER E 183 4.26 34.30 -2.83
N LYS E 184 5.06 35.36 -2.84
CA LYS E 184 4.58 36.65 -3.32
C LYS E 184 4.22 36.58 -4.80
N ALA E 185 5.09 35.96 -5.61
CA ALA E 185 4.82 35.83 -7.03
C ALA E 185 3.56 35.00 -7.29
N ASP E 186 3.41 33.89 -6.55
CA ASP E 186 2.20 33.08 -6.70
C ASP E 186 0.96 33.83 -6.21
N TYR E 187 1.11 34.66 -5.18
CA TYR E 187 -0.02 35.45 -4.70
C TYR E 187 -0.45 36.49 -5.73
N GLU E 188 0.52 37.12 -6.40
CA GLU E 188 0.22 38.14 -7.39
C GLU E 188 -0.19 37.57 -8.75
N LYS E 189 -0.13 36.26 -8.93
CA LYS E 189 -0.46 35.63 -10.19
C LYS E 189 -1.95 35.32 -10.34
N HIS E 190 -2.77 35.68 -9.36
CA HIS E 190 -4.19 35.36 -9.40
C HIS E 190 -4.99 36.56 -8.91
N LYS E 191 -6.30 36.50 -9.11
CA LYS E 191 -7.19 37.62 -8.81
C LYS E 191 -8.25 37.30 -7.76
N VAL E 192 -8.78 36.08 -7.75
CA VAL E 192 -9.90 35.71 -6.87
C VAL E 192 -9.38 34.71 -5.84
N TYR E 193 -9.71 34.94 -4.57
CA TYR E 193 -9.45 33.97 -3.51
C TYR E 193 -10.73 33.75 -2.72
N ALA E 194 -10.93 32.52 -2.26
CA ALA E 194 -12.18 32.16 -1.62
C ALA E 194 -11.95 31.11 -0.55
N CYS E 195 -12.72 31.21 0.53
CA CYS E 195 -12.74 30.23 1.61
C CYS E 195 -14.18 29.77 1.79
N GLU E 196 -14.39 28.46 1.70
CA GLU E 196 -15.72 27.87 1.76
C GLU E 196 -15.85 27.08 3.06
N VAL E 197 -16.96 27.29 3.76
CA VAL E 197 -17.21 26.67 5.06
C VAL E 197 -18.50 25.87 4.97
N THR E 198 -18.44 24.61 5.38
CA THR E 198 -19.59 23.73 5.44
C THR E 198 -19.75 23.20 6.85
N HIS E 199 -20.93 23.37 7.43
CA HIS E 199 -21.20 22.91 8.78
C HIS E 199 -22.66 22.49 8.88
N GLN E 200 -22.94 21.55 9.79
CA GLN E 200 -24.30 21.06 9.97
C GLN E 200 -25.22 22.12 10.54
N GLY E 201 -24.68 23.16 11.17
CA GLY E 201 -25.48 24.26 11.66
C GLY E 201 -25.84 25.30 10.63
N LEU E 202 -25.34 25.16 9.41
CA LEU E 202 -25.62 26.10 8.32
C LEU E 202 -26.50 25.42 7.29
N SER E 203 -27.55 26.12 6.86
CA SER E 203 -28.44 25.57 5.84
C SER E 203 -27.71 25.34 4.53
N SER E 204 -26.87 26.28 4.12
CA SER E 204 -26.08 26.17 2.91
C SER E 204 -24.64 26.55 3.20
N PRO E 205 -23.68 25.93 2.51
CA PRO E 205 -22.27 26.31 2.71
C PRO E 205 -22.04 27.76 2.36
N VAL E 206 -21.17 28.41 3.13
CA VAL E 206 -20.92 29.84 3.00
C VAL E 206 -19.51 30.03 2.45
N THR E 207 -19.41 30.72 1.31
CA THR E 207 -18.12 30.99 0.68
C THR E 207 -17.87 32.49 0.72
N LYS E 208 -16.73 32.88 1.30
CA LYS E 208 -16.32 34.28 1.36
C LYS E 208 -15.10 34.47 0.48
N SER E 209 -15.18 35.45 -0.43
CA SER E 209 -14.16 35.66 -1.44
C SER E 209 -13.70 37.11 -1.43
N PHE E 210 -12.49 37.31 -1.95
CA PHE E 210 -11.92 38.64 -2.09
C PHE E 210 -11.03 38.70 -3.32
N ASN E 211 -10.80 39.92 -3.78
CA ASN E 211 -9.96 40.20 -4.94
C ASN E 211 -8.82 41.12 -4.54
N ARG E 212 -7.68 40.95 -5.20
CA ARG E 212 -6.50 41.74 -4.90
C ARG E 212 -6.74 43.20 -5.24
N GLY E 213 -6.44 44.08 -4.29
CA GLY E 213 -6.63 45.51 -4.47
C GLY E 213 -7.95 46.03 -3.94
N GLU E 214 -8.90 45.16 -3.62
CA GLU E 214 -10.18 45.62 -3.10
C GLU E 214 -10.02 46.32 -1.76
N CYS E 215 -9.19 45.77 -0.88
CA CYS E 215 -8.98 46.36 0.44
C CYS E 215 -7.63 45.93 1.01
#